data_4P2N
#
_entry.id   4P2N
#
_cell.length_a   62.267
_cell.length_b   63.031
_cell.length_c   90.278
_cell.angle_alpha   99.02
_cell.angle_beta   98.16
_cell.angle_gamma   119.51
#
_symmetry.space_group_name_H-M   'P 1'
#
loop_
_entity.id
_entity.type
_entity.pdbx_description
1 polymer 'Major capsid protein'
2 branched alpha-L-fucopyranose-(1-3)-[beta-D-galactopyranose-(1-4)]2-acetamido-2-deoxy-beta-D-glucopyranose
3 water water
#
_entity_poly.entity_id   1
_entity_poly.type   'polypeptide(L)'
_entity_poly.pdbx_seq_one_letter_code
;EQKTRQLTVPNIPLNNLANSRVPAMINKMTVSTDQNQVVQFQNGRCTLEGQLLGTTPVSASQVARIRGKVFSTASGKGLN
LTELDGTPYHAFESPAPLGFPDIGACDWHVSTFKVDQNLSGDPMSRLDVKQNAPFAPHLGSIEFTSDQDPTGDQLGTLAW
VSPSTSGARVDPWKIPSYGSTVTESTHLAPPIFPPGFGEAIVYFMSDFPIVSGNTAQVPCTLPQEFVSHFVEQQAPVRGE
AALLHYVDPDTHRNLGEFKLYPDGFITCVPNTGGGPQNLPTNGVFVFSSWVSRYYQLKPVG
;
_entity_poly.pdbx_strand_id   A,B,C,D
#
# COMPACT_ATOMS: atom_id res chain seq x y z
N GLN A 6 12.46 12.78 -11.59
CA GLN A 6 12.08 12.73 -13.01
C GLN A 6 11.80 11.31 -13.46
N LEU A 7 10.84 11.19 -14.37
CA LEU A 7 10.50 9.91 -14.96
C LEU A 7 11.69 9.34 -15.72
N THR A 8 11.92 8.05 -15.52
CA THR A 8 12.85 7.30 -16.36
C THR A 8 12.17 6.03 -16.79
N VAL A 9 12.71 5.41 -17.84
CA VAL A 9 12.32 4.05 -18.22
C VAL A 9 13.58 3.21 -18.14
N PRO A 10 13.42 1.88 -18.07
CA PRO A 10 14.57 0.98 -17.90
C PRO A 10 15.68 1.16 -18.94
N ASN A 11 16.91 1.29 -18.45
CA ASN A 11 18.08 1.32 -19.31
C ASN A 11 18.48 -0.11 -19.70
N ILE A 12 17.60 -0.77 -20.44
CA ILE A 12 17.76 -2.17 -20.81
C ILE A 12 17.31 -2.32 -22.26
N PRO A 13 18.13 -2.98 -23.10
CA PRO A 13 17.75 -3.12 -24.50
C PRO A 13 16.51 -3.96 -24.63
N LEU A 14 15.76 -3.72 -25.70
CA LEU A 14 14.49 -4.41 -25.90
C LEU A 14 14.61 -5.93 -25.85
N ASN A 15 15.69 -6.49 -26.39
CA ASN A 15 15.81 -7.94 -26.40
C ASN A 15 16.13 -8.55 -25.04
N ASN A 16 16.41 -7.71 -24.05
CA ASN A 16 16.57 -8.19 -22.67
C ASN A 16 15.36 -7.88 -21.80
N LEU A 17 14.25 -7.55 -22.46
CA LEU A 17 13.01 -7.26 -21.74
C LEU A 17 11.99 -8.38 -21.91
N ALA A 18 11.27 -8.69 -20.85
CA ALA A 18 10.31 -9.79 -20.84
C ALA A 18 8.91 -9.37 -21.26
N ASN A 19 8.20 -10.29 -21.90
CA ASN A 19 6.78 -10.11 -22.15
C ASN A 19 6.04 -10.07 -20.82
N SER A 20 4.99 -9.27 -20.75
CA SER A 20 4.20 -9.15 -19.52
C SER A 20 2.94 -10.02 -19.53
N ARG A 21 2.72 -10.77 -20.61
CA ARG A 21 1.55 -11.62 -20.71
C ARG A 21 1.89 -13.11 -20.84
N VAL A 22 3.12 -13.42 -21.24
CA VAL A 22 3.63 -14.80 -21.22
C VAL A 22 5.09 -14.81 -20.75
N PRO A 23 5.53 -15.94 -20.19
CA PRO A 23 6.94 -16.03 -19.75
C PRO A 23 7.86 -16.23 -20.94
N ALA A 24 8.26 -15.11 -21.53
CA ALA A 24 9.08 -15.13 -22.74
C ALA A 24 9.75 -13.77 -22.91
N MET A 25 10.78 -13.73 -23.72
CA MET A 25 11.44 -12.47 -24.01
C MET A 25 10.83 -11.79 -25.22
N ILE A 26 10.88 -10.46 -25.22
CA ILE A 26 10.39 -9.71 -26.37
C ILE A 26 11.37 -9.86 -27.53
N ASN A 27 10.85 -10.17 -28.71
CA ASN A 27 11.74 -10.25 -29.85
C ASN A 27 11.44 -9.32 -31.01
N LYS A 28 10.37 -8.54 -30.89
CA LYS A 28 10.13 -7.42 -31.80
C LYS A 28 8.97 -6.56 -31.36
N MET A 29 8.88 -5.39 -31.96
CA MET A 29 7.74 -4.50 -31.79
C MET A 29 6.92 -4.53 -33.05
N THR A 30 5.63 -4.29 -32.91
CA THR A 30 4.80 -4.14 -34.10
C THR A 30 3.62 -3.24 -33.81
N VAL A 31 2.87 -2.91 -34.85
CA VAL A 31 1.60 -2.24 -34.69
C VAL A 31 0.52 -3.18 -35.17
N SER A 32 -0.71 -2.96 -34.74
CA SER A 32 -1.80 -3.84 -35.13
C SER A 32 -2.17 -3.62 -36.60
N THR A 33 -2.60 -4.68 -37.27
CA THR A 33 -2.97 -4.61 -38.68
C THR A 33 -4.03 -3.54 -38.88
N ASP A 34 -5.04 -3.58 -38.02
CA ASP A 34 -6.01 -2.51 -37.92
C ASP A 34 -5.55 -1.57 -36.81
N GLN A 35 -5.08 -0.38 -37.20
CA GLN A 35 -4.51 0.53 -36.21
C GLN A 35 -5.56 1.18 -35.31
N ASN A 36 -6.83 0.87 -35.57
CA ASN A 36 -7.90 1.28 -34.67
C ASN A 36 -8.25 0.24 -33.61
N GLN A 37 -7.65 -0.93 -33.70
CA GLN A 37 -8.01 -2.03 -32.81
C GLN A 37 -7.84 -1.67 -31.33
N VAL A 38 -8.87 -1.97 -30.55
CA VAL A 38 -8.85 -1.72 -29.12
C VAL A 38 -8.47 -2.98 -28.38
N VAL A 39 -7.60 -2.87 -27.38
CA VAL A 39 -7.22 -4.03 -26.58
C VAL A 39 -7.57 -3.78 -25.12
N GLN A 40 -7.64 -4.85 -24.34
CA GLN A 40 -7.99 -4.73 -22.93
C GLN A 40 -7.23 -5.78 -22.11
N PHE A 41 -5.95 -5.93 -22.41
CA PHE A 41 -5.10 -6.86 -21.69
C PHE A 41 -5.18 -6.59 -20.19
N GLN A 42 -5.15 -7.64 -19.38
CA GLN A 42 -5.22 -7.49 -17.93
C GLN A 42 -3.87 -7.60 -17.25
N ASN A 43 -2.90 -8.17 -17.96
CA ASN A 43 -1.51 -8.18 -17.51
C ASN A 43 -0.70 -7.16 -18.32
N GLY A 44 0.44 -6.74 -17.78
CA GLY A 44 1.24 -5.71 -18.41
C GLY A 44 0.62 -4.33 -18.27
N ARG A 45 -0.26 -4.16 -17.30
CA ARG A 45 -0.99 -2.90 -17.11
C ARG A 45 -0.52 -2.20 -15.85
N CYS A 46 -0.02 -0.99 -16.02
CA CYS A 46 0.48 -0.20 -14.91
C CYS A 46 0.55 1.24 -15.36
N THR A 47 0.15 2.17 -14.49
CA THR A 47 0.25 3.58 -14.82
C THR A 47 1.69 4.02 -14.62
N LEU A 48 2.05 5.14 -15.26
CA LEU A 48 3.40 5.66 -15.12
C LEU A 48 3.77 5.97 -13.67
N GLU A 49 2.77 6.31 -12.86
CA GLU A 49 2.98 6.61 -11.45
C GLU A 49 3.17 5.35 -10.60
N GLY A 50 3.01 4.19 -11.23
CA GLY A 50 3.28 2.93 -10.56
C GLY A 50 2.07 2.26 -9.95
N GLN A 51 0.88 2.57 -10.46
CA GLN A 51 -0.33 1.89 -10.03
C GLN A 51 -0.60 0.66 -10.90
N LEU A 52 -0.49 -0.52 -10.31
CA LEU A 52 -0.81 -1.76 -11.02
C LEU A 52 -2.29 -1.85 -11.34
N LEU A 53 -2.61 -2.37 -12.52
CA LEU A 53 -4.00 -2.54 -12.94
C LEU A 53 -4.29 -3.99 -13.32
N GLY A 54 -5.56 -4.37 -13.27
CA GLY A 54 -5.97 -5.72 -13.66
C GLY A 54 -5.31 -6.77 -12.77
N THR A 55 -4.74 -7.79 -13.39
CA THR A 55 -4.09 -8.86 -12.66
C THR A 55 -2.57 -8.74 -12.68
N THR A 56 -2.07 -7.60 -13.18
CA THR A 56 -0.63 -7.40 -13.39
C THR A 56 0.21 -7.58 -12.12
N PRO A 57 1.18 -8.50 -12.15
CA PRO A 57 2.11 -8.67 -11.04
C PRO A 57 3.38 -7.85 -11.26
N VAL A 58 4.31 -7.91 -10.32
CA VAL A 58 5.52 -7.09 -10.40
C VAL A 58 6.65 -7.80 -11.15
N SER A 59 6.79 -9.09 -10.93
CA SER A 59 7.94 -9.83 -11.46
C SER A 59 7.60 -10.58 -12.73
N ALA A 60 8.58 -10.67 -13.63
CA ALA A 60 8.42 -11.49 -14.84
C ALA A 60 8.15 -12.96 -14.52
N SER A 61 8.57 -13.41 -13.34
CA SER A 61 8.39 -14.81 -12.97
C SER A 61 7.07 -15.05 -12.24
N GLN A 62 6.20 -14.04 -12.28
CA GLN A 62 4.82 -14.17 -11.82
C GLN A 62 3.86 -14.13 -13.00
N VAL A 63 4.39 -13.89 -14.20
CA VAL A 63 3.55 -13.70 -15.39
C VAL A 63 2.95 -14.99 -15.95
N ALA A 64 1.63 -15.05 -16.03
CA ALA A 64 0.91 -16.21 -16.59
C ALA A 64 1.16 -17.48 -15.77
N ARG A 65 1.10 -17.34 -14.46
CA ARG A 65 1.22 -18.47 -13.54
C ARG A 65 -0.10 -18.69 -12.83
N ILE A 66 -0.30 -19.90 -12.34
CA ILE A 66 -1.52 -20.27 -11.61
C ILE A 66 -1.13 -21.09 -10.38
N ARG A 67 -1.80 -20.82 -9.26
CA ARG A 67 -1.64 -21.65 -8.08
C ARG A 67 -2.99 -21.90 -7.44
N GLY A 68 -3.19 -23.11 -6.90
CA GLY A 68 -4.43 -23.40 -6.20
C GLY A 68 -4.43 -24.79 -5.61
N LYS A 69 -5.48 -25.10 -4.86
CA LYS A 69 -5.64 -26.42 -4.28
C LYS A 69 -6.54 -27.25 -5.16
N VAL A 70 -6.08 -28.44 -5.50
CA VAL A 70 -6.90 -29.33 -6.30
C VAL A 70 -8.16 -29.74 -5.54
N PHE A 71 -9.29 -29.65 -6.22
CA PHE A 71 -10.45 -30.37 -5.77
C PHE A 71 -10.76 -31.41 -6.84
N SER A 72 -11.15 -32.60 -6.41
CA SER A 72 -11.44 -33.67 -7.33
C SER A 72 -12.55 -34.48 -6.69
N THR A 73 -13.72 -34.46 -7.34
CA THR A 73 -14.92 -35.00 -6.75
C THR A 73 -15.64 -35.87 -7.78
N ALA A 74 -16.81 -36.36 -7.38
CA ALA A 74 -17.65 -37.12 -8.29
C ALA A 74 -18.12 -36.23 -9.44
N SER A 75 -18.15 -34.92 -9.20
CA SER A 75 -18.70 -33.98 -10.17
C SER A 75 -17.66 -33.41 -11.12
N GLY A 76 -16.41 -33.32 -10.66
CA GLY A 76 -15.34 -32.83 -11.51
C GLY A 76 -14.04 -32.52 -10.80
N LYS A 77 -13.07 -32.01 -11.57
CA LYS A 77 -11.74 -31.67 -11.06
C LYS A 77 -11.49 -30.21 -11.30
N GLY A 78 -10.76 -29.58 -10.39
CA GLY A 78 -10.40 -28.18 -10.61
C GLY A 78 -9.43 -27.64 -9.59
N LEU A 79 -9.18 -26.33 -9.66
CA LEU A 79 -8.37 -25.66 -8.66
C LEU A 79 -9.21 -24.64 -7.91
N ASN A 80 -9.13 -24.66 -6.60
CA ASN A 80 -9.56 -23.54 -5.80
C ASN A 80 -8.37 -22.61 -5.69
N LEU A 81 -8.43 -21.52 -6.44
CA LEU A 81 -7.28 -20.66 -6.66
C LEU A 81 -6.80 -19.96 -5.41
N THR A 82 -5.48 -19.77 -5.33
CA THR A 82 -4.88 -18.88 -4.35
C THR A 82 -4.00 -17.89 -5.10
N GLU A 83 -3.42 -16.94 -4.38
CA GLU A 83 -2.36 -16.14 -4.96
C GLU A 83 -1.15 -17.02 -5.16
N LEU A 84 -0.20 -16.54 -5.95
CA LEU A 84 0.96 -17.34 -6.32
C LEU A 84 1.86 -17.69 -5.14
N ASP A 85 1.74 -16.95 -4.04
CA ASP A 85 2.49 -17.26 -2.83
C ASP A 85 1.72 -18.17 -1.87
N GLY A 86 0.56 -18.63 -2.31
CA GLY A 86 -0.24 -19.58 -1.54
C GLY A 86 -1.22 -18.93 -0.59
N THR A 87 -1.14 -17.61 -0.47
CA THR A 87 -2.07 -16.87 0.38
C THR A 87 -3.45 -16.77 -0.29
N PRO A 88 -4.51 -16.57 0.50
CA PRO A 88 -5.87 -16.62 -0.04
C PRO A 88 -6.16 -15.61 -1.15
N TYR A 89 -6.88 -16.07 -2.17
CA TYR A 89 -7.42 -15.20 -3.18
C TYR A 89 -8.80 -14.73 -2.73
N HIS A 90 -9.00 -13.42 -2.68
CA HIS A 90 -10.28 -12.84 -2.29
C HIS A 90 -11.03 -12.29 -3.51
N ALA A 91 -12.18 -12.89 -3.82
CA ALA A 91 -12.98 -12.54 -4.99
C ALA A 91 -13.64 -11.18 -4.96
N SER A 94 -10.22 -7.88 -7.96
CA SER A 94 -9.45 -8.01 -9.18
C SER A 94 -10.03 -9.14 -10.01
N PRO A 95 -9.68 -9.20 -11.31
CA PRO A 95 -10.35 -10.20 -12.14
C PRO A 95 -10.01 -11.63 -11.73
N ALA A 96 -8.82 -11.81 -11.15
CA ALA A 96 -8.29 -13.14 -10.86
C ALA A 96 -7.07 -12.93 -9.97
N PRO A 97 -6.44 -14.02 -9.50
CA PRO A 97 -5.21 -13.83 -8.72
C PRO A 97 -4.15 -13.10 -9.56
N LEU A 98 -3.25 -12.38 -8.89
CA LEU A 98 -2.20 -11.68 -9.62
C LEU A 98 -1.37 -12.66 -10.43
N GLY A 99 -1.04 -12.27 -11.65
CA GLY A 99 -0.24 -13.10 -12.53
C GLY A 99 -1.04 -14.09 -13.36
N PHE A 100 -2.32 -14.26 -13.03
CA PHE A 100 -3.18 -15.22 -13.73
C PHE A 100 -3.19 -14.91 -15.23
N PRO A 101 -3.08 -15.95 -16.08
CA PRO A 101 -3.00 -15.68 -17.52
C PRO A 101 -4.21 -14.90 -18.06
N ASP A 102 -3.98 -14.10 -19.10
CA ASP A 102 -5.05 -13.30 -19.69
C ASP A 102 -5.17 -13.53 -21.19
N ILE A 103 -4.82 -14.74 -21.63
CA ILE A 103 -4.92 -15.08 -23.04
C ILE A 103 -6.31 -15.65 -23.27
N GLY A 104 -7.19 -14.85 -23.86
CA GLY A 104 -8.58 -15.23 -23.92
C GLY A 104 -8.97 -16.21 -25.00
N ALA A 105 -10.14 -16.82 -24.80
CA ALA A 105 -10.83 -17.61 -25.82
C ALA A 105 -9.99 -18.72 -26.41
N CYS A 106 -9.39 -19.53 -25.55
CA CYS A 106 -8.61 -20.68 -25.97
C CYS A 106 -8.46 -21.66 -24.83
N ASP A 107 -8.09 -22.89 -25.14
CA ASP A 107 -7.70 -23.84 -24.10
C ASP A 107 -6.30 -23.48 -23.61
N TRP A 108 -6.08 -23.63 -22.30
CA TRP A 108 -4.77 -23.48 -21.70
C TRP A 108 -4.23 -24.83 -21.29
N HIS A 109 -2.91 -24.95 -21.35
CA HIS A 109 -2.24 -26.14 -20.86
C HIS A 109 -1.17 -25.66 -19.90
N VAL A 110 -1.39 -25.96 -18.63
CA VAL A 110 -0.60 -25.38 -17.55
C VAL A 110 0.17 -26.48 -16.83
N SER A 111 1.48 -26.34 -16.79
CA SER A 111 2.32 -27.34 -16.16
C SER A 111 2.60 -26.99 -14.70
N THR A 112 2.10 -27.81 -13.79
CA THR A 112 2.20 -27.51 -12.36
C THR A 112 2.95 -28.59 -11.60
N PHE A 113 3.45 -28.24 -10.41
CA PHE A 113 4.02 -29.22 -9.49
C PHE A 113 3.40 -29.06 -8.11
N LYS A 114 3.46 -30.12 -7.32
CA LYS A 114 2.97 -30.04 -5.95
C LYS A 114 4.04 -29.40 -5.08
N VAL A 115 3.64 -28.31 -4.42
CA VAL A 115 4.60 -27.56 -3.66
C VAL A 115 5.10 -28.36 -2.45
N ASP A 116 4.21 -29.09 -1.85
CA ASP A 116 4.49 -29.96 -0.72
C ASP A 116 5.34 -31.19 -1.03
N GLN A 117 5.54 -31.51 -2.29
CA GLN A 117 5.90 -32.83 -2.68
C GLN A 117 7.15 -33.35 -2.04
N ASN A 118 7.05 -34.50 -1.45
CA ASN A 118 8.21 -35.15 -0.98
C ASN A 118 8.32 -36.55 -1.57
N LEU A 119 7.58 -36.83 -2.61
CA LEU A 119 7.60 -38.16 -3.22
C LEU A 119 8.48 -38.29 -4.48
N SER A 120 8.84 -39.53 -4.82
CA SER A 120 9.56 -39.86 -6.02
C SER A 120 8.71 -39.75 -7.31
N GLY A 121 9.33 -39.86 -8.49
CA GLY A 121 8.59 -39.86 -9.73
C GLY A 121 8.41 -38.51 -10.41
N ASP A 122 7.86 -38.56 -11.62
CA ASP A 122 7.54 -37.35 -12.40
C ASP A 122 6.66 -36.42 -11.58
N PRO A 123 7.16 -35.23 -11.25
CA PRO A 123 6.41 -34.31 -10.39
C PRO A 123 5.43 -33.41 -11.13
N MET A 124 5.46 -33.42 -12.46
CA MET A 124 4.66 -32.46 -13.21
C MET A 124 3.29 -33.01 -13.59
N SER A 125 2.30 -32.13 -13.53
CA SER A 125 0.98 -32.40 -14.08
C SER A 125 0.68 -31.35 -15.13
N ARG A 126 0.12 -31.76 -16.26
CA ARG A 126 -0.37 -30.78 -17.23
C ARG A 126 -1.85 -30.59 -17.00
N LEU A 127 -2.25 -29.39 -16.59
CA LEU A 127 -3.66 -29.10 -16.38
C LEU A 127 -4.22 -28.50 -17.67
N ASP A 128 -5.23 -29.18 -18.21
CA ASP A 128 -5.84 -28.75 -19.45
C ASP A 128 -7.13 -28.01 -19.14
N VAL A 129 -7.14 -26.71 -19.46
CA VAL A 129 -8.18 -25.81 -18.95
C VAL A 129 -8.96 -25.22 -20.10
N LYS A 130 -10.23 -25.31 -20.01
CA LYS A 130 -11.07 -24.71 -21.03
C LYS A 130 -11.73 -23.45 -20.54
N GLN A 131 -11.94 -22.51 -21.38
CA GLN A 131 -12.64 -21.28 -21.02
C GLN A 131 -14.13 -21.38 -21.34
N ASN A 132 -14.77 -22.36 -20.73
CA ASN A 132 -16.23 -22.50 -20.81
C ASN A 132 -16.90 -22.18 -19.47
N ALA A 133 -18.07 -22.76 -19.21
CA ALA A 133 -18.87 -22.34 -18.04
C ALA A 133 -18.16 -22.40 -16.67
N PRO A 134 -17.48 -23.53 -16.35
CA PRO A 134 -16.85 -23.56 -15.03
C PRO A 134 -15.59 -22.69 -14.92
N PHE A 135 -15.22 -22.00 -16.00
CA PHE A 135 -14.09 -21.11 -15.94
C PHE A 135 -14.55 -19.82 -15.27
N ALA A 136 -14.33 -19.74 -13.96
CA ALA A 136 -14.78 -18.59 -13.18
C ALA A 136 -13.70 -18.12 -12.22
N PRO A 137 -12.54 -17.72 -12.76
CA PRO A 137 -11.42 -17.38 -11.89
C PRO A 137 -11.75 -16.21 -10.97
N HIS A 138 -12.62 -15.30 -11.40
CA HIS A 138 -12.98 -14.18 -10.55
C HIS A 138 -13.63 -14.67 -9.27
N LEU A 139 -14.35 -15.77 -9.37
CA LEU A 139 -15.01 -16.34 -8.21
C LEU A 139 -14.10 -17.28 -7.46
N GLY A 140 -12.94 -17.55 -8.02
CA GLY A 140 -11.92 -18.29 -7.31
C GLY A 140 -11.74 -19.75 -7.68
N SER A 141 -12.35 -20.20 -8.77
CA SER A 141 -12.13 -21.57 -9.21
C SER A 141 -12.10 -21.71 -10.72
N ILE A 142 -11.34 -22.70 -11.19
CA ILE A 142 -11.38 -23.13 -12.58
C ILE A 142 -11.39 -24.64 -12.58
N GLU A 143 -11.88 -25.24 -13.65
CA GLU A 143 -11.83 -26.69 -13.77
C GLU A 143 -10.77 -27.10 -14.77
N PHE A 144 -10.28 -28.34 -14.64
CA PHE A 144 -9.33 -28.87 -15.60
C PHE A 144 -9.54 -30.35 -15.81
N THR A 145 -8.98 -30.86 -16.90
CA THR A 145 -8.77 -32.27 -17.06
C THR A 145 -7.26 -32.49 -17.11
N SER A 146 -6.83 -33.69 -16.76
CA SER A 146 -5.40 -33.99 -16.78
C SER A 146 -5.18 -35.48 -16.93
N ASP A 147 -4.17 -35.85 -17.71
CA ASP A 147 -3.79 -37.24 -17.82
C ASP A 147 -2.92 -37.68 -16.65
N GLN A 148 -2.54 -36.73 -15.81
CA GLN A 148 -1.81 -37.04 -14.59
C GLN A 148 -2.76 -36.98 -13.39
N ASP A 149 -2.20 -37.07 -12.20
CA ASP A 149 -3.00 -37.12 -10.98
C ASP A 149 -2.57 -36.06 -9.96
N PRO A 150 -2.74 -34.77 -10.30
CA PRO A 150 -2.37 -33.71 -9.35
C PRO A 150 -3.25 -33.73 -8.10
N THR A 151 -2.63 -33.47 -6.96
CA THR A 151 -3.36 -33.33 -5.70
C THR A 151 -2.77 -32.16 -4.92
N GLY A 152 -3.53 -31.64 -3.96
CA GLY A 152 -3.03 -30.62 -3.07
C GLY A 152 -2.70 -29.29 -3.72
N ASP A 153 -1.67 -28.63 -3.19
CA ASP A 153 -1.28 -27.27 -3.56
C ASP A 153 -0.43 -27.31 -4.82
N GLN A 154 -1.03 -26.98 -5.97
CA GLN A 154 -0.32 -27.00 -7.25
C GLN A 154 0.05 -25.61 -7.71
N LEU A 155 1.30 -25.44 -8.12
CA LEU A 155 1.80 -24.18 -8.64
C LEU A 155 2.42 -24.42 -10.00
N GLY A 156 2.12 -23.57 -10.96
CA GLY A 156 2.68 -23.78 -12.28
C GLY A 156 2.52 -22.64 -13.27
N THR A 157 2.87 -22.91 -14.52
CA THR A 157 3.02 -21.86 -15.51
C THR A 157 2.32 -22.27 -16.79
N LEU A 158 1.66 -21.31 -17.44
CA LEU A 158 1.07 -21.58 -18.76
C LEU A 158 2.16 -22.04 -19.74
N ALA A 159 1.95 -23.23 -20.32
CA ALA A 159 2.95 -23.86 -21.18
C ALA A 159 2.63 -23.65 -22.65
N TRP A 160 1.35 -23.79 -22.99
CA TRP A 160 0.91 -23.55 -24.36
C TRP A 160 -0.59 -23.37 -24.42
N VAL A 161 -1.07 -22.88 -25.55
CA VAL A 161 -2.51 -22.69 -25.74
C VAL A 161 -2.95 -23.31 -27.06
N SER A 162 -4.25 -23.61 -27.17
CA SER A 162 -4.77 -24.31 -28.35
C SER A 162 -6.25 -23.94 -28.52
N PRO A 163 -6.85 -24.31 -29.67
CA PRO A 163 -8.23 -23.85 -29.94
C PRO A 163 -9.24 -24.40 -28.94
N SER A 164 -10.25 -23.60 -28.64
CA SER A 164 -11.31 -24.02 -27.76
C SER A 164 -12.13 -25.17 -28.28
N THR A 165 -12.34 -25.12 -29.58
CA THR A 165 -13.08 -26.10 -30.33
C THR A 165 -12.30 -26.46 -31.55
N SER A 166 -12.63 -27.62 -32.10
CA SER A 166 -11.98 -28.10 -33.26
C SER A 166 -12.19 -27.11 -34.38
N GLY A 167 -11.11 -26.70 -34.95
CA GLY A 167 -11.16 -25.76 -36.03
C GLY A 167 -11.13 -24.28 -35.74
N ALA A 168 -11.32 -23.95 -34.48
CA ALA A 168 -11.27 -22.57 -34.06
C ALA A 168 -9.83 -22.07 -34.11
N ARG A 169 -9.68 -20.76 -34.19
CA ARG A 169 -8.34 -20.22 -34.16
C ARG A 169 -8.12 -19.62 -32.79
N VAL A 170 -6.86 -19.47 -32.42
CA VAL A 170 -6.53 -18.80 -31.19
C VAL A 170 -6.14 -17.38 -31.55
N ASP A 171 -6.74 -16.42 -30.85
CA ASP A 171 -6.39 -15.02 -31.03
C ASP A 171 -5.88 -14.49 -29.70
N PRO A 172 -4.55 -14.36 -29.57
CA PRO A 172 -3.98 -13.96 -28.28
C PRO A 172 -4.17 -12.47 -27.98
N TRP A 173 -4.88 -11.76 -28.84
CA TRP A 173 -5.21 -10.36 -28.60
C TRP A 173 -6.50 -10.24 -27.78
N LYS A 174 -7.13 -11.37 -27.52
CA LYS A 174 -8.35 -11.43 -26.72
C LYS A 174 -8.02 -11.69 -25.26
N ILE A 175 -8.93 -11.31 -24.37
CA ILE A 175 -8.80 -11.63 -22.94
C ILE A 175 -9.93 -12.55 -22.50
N PRO A 176 -9.77 -13.22 -21.34
CA PRO A 176 -10.83 -14.10 -20.87
C PRO A 176 -12.07 -13.36 -20.38
N SER A 177 -13.15 -14.11 -20.22
CA SER A 177 -14.30 -13.68 -19.45
C SER A 177 -14.09 -14.24 -18.05
N TYR A 178 -13.84 -13.39 -17.08
CA TYR A 178 -13.40 -13.88 -15.77
C TYR A 178 -14.56 -14.29 -14.87
N HIS A 187 -13.96 -5.23 -12.22
CA HIS A 187 -12.60 -5.51 -11.85
C HIS A 187 -11.59 -5.18 -12.95
N LEU A 188 -12.05 -5.26 -14.20
CA LEU A 188 -11.13 -5.19 -15.33
C LEU A 188 -10.35 -3.87 -15.45
N ALA A 189 -9.07 -3.99 -15.78
CA ALA A 189 -8.33 -2.83 -16.27
C ALA A 189 -9.06 -2.38 -17.53
N PRO A 190 -9.17 -1.06 -17.75
CA PRO A 190 -10.00 -0.52 -18.84
C PRO A 190 -9.39 -0.76 -20.23
N PRO A 191 -10.21 -0.64 -21.28
CA PRO A 191 -9.70 -0.78 -22.64
C PRO A 191 -8.68 0.31 -22.94
N ILE A 192 -7.78 0.00 -23.86
CA ILE A 192 -6.83 0.99 -24.37
C ILE A 192 -7.24 1.36 -25.79
N PHE A 193 -7.62 2.61 -25.99
CA PHE A 193 -8.00 3.12 -27.32
C PHE A 193 -6.81 3.85 -27.93
N PRO A 194 -6.49 3.55 -29.19
CA PRO A 194 -5.49 4.36 -29.90
C PRO A 194 -5.83 5.84 -29.80
N PRO A 195 -4.89 6.67 -29.31
CA PRO A 195 -5.04 8.09 -28.94
C PRO A 195 -4.54 9.08 -29.97
N GLY A 196 -5.07 10.30 -29.93
CA GLY A 196 -4.55 11.41 -30.74
C GLY A 196 -4.87 11.27 -32.22
N PHE A 197 -3.96 11.76 -33.07
CA PHE A 197 -4.07 11.68 -34.53
C PHE A 197 -2.94 10.86 -35.19
N GLY A 198 -3.29 9.85 -35.99
CA GLY A 198 -2.30 9.04 -36.71
C GLY A 198 -1.37 8.13 -35.90
N GLU A 199 -1.61 8.07 -34.59
CA GLU A 199 -0.77 7.25 -33.71
C GLU A 199 -1.23 5.79 -33.65
N ALA A 200 -0.27 4.89 -33.51
CA ALA A 200 -0.57 3.47 -33.36
C ALA A 200 0.05 2.92 -32.09
N ILE A 201 -0.73 2.15 -31.34
CA ILE A 201 -0.21 1.50 -30.15
C ILE A 201 0.92 0.55 -30.52
N VAL A 202 2.01 0.58 -29.74
CA VAL A 202 3.12 -0.32 -29.96
C VAL A 202 2.93 -1.60 -29.16
N TYR A 203 2.98 -2.73 -29.86
CA TYR A 203 2.86 -4.02 -29.21
C TYR A 203 4.22 -4.73 -29.19
N PHE A 204 4.57 -5.23 -28.02
CA PHE A 204 5.82 -5.95 -27.82
C PHE A 204 5.53 -7.44 -27.92
N MET A 205 6.17 -8.10 -28.89
CA MET A 205 5.82 -9.46 -29.27
C MET A 205 6.81 -10.52 -28.79
N SER A 206 6.29 -11.68 -28.40
CA SER A 206 7.13 -12.80 -28.04
C SER A 206 6.67 -14.08 -28.74
N ASP A 207 7.64 -14.90 -29.12
CA ASP A 207 7.33 -16.25 -29.59
C ASP A 207 6.71 -17.03 -28.44
N PHE A 208 5.68 -17.82 -28.73
CA PHE A 208 5.05 -18.64 -27.70
C PHE A 208 4.29 -19.74 -28.41
N PRO A 209 4.27 -20.96 -27.84
CA PRO A 209 3.57 -22.06 -28.53
C PRO A 209 2.07 -21.86 -28.55
N ILE A 210 1.58 -21.32 -29.66
CA ILE A 210 0.16 -21.17 -29.91
C ILE A 210 -0.19 -22.15 -31.02
N VAL A 211 -0.98 -23.16 -30.71
CA VAL A 211 -1.28 -24.15 -31.74
C VAL A 211 -2.45 -23.75 -32.63
N SER A 212 -2.35 -22.56 -33.22
CA SER A 212 -3.28 -22.15 -34.25
C SER A 212 -2.53 -21.61 -35.48
N GLY A 213 -2.81 -22.18 -36.65
CA GLY A 213 -2.48 -21.53 -37.91
C GLY A 213 -1.04 -21.09 -38.12
N ASN A 214 -0.88 -19.80 -38.39
CA ASN A 214 0.46 -19.22 -38.46
C ASN A 214 0.76 -18.26 -37.32
N THR A 215 -0.08 -18.21 -36.29
CA THR A 215 -0.01 -17.06 -35.40
C THR A 215 1.28 -16.86 -34.58
N ALA A 216 1.76 -17.88 -33.88
CA ALA A 216 3.13 -17.94 -33.39
C ALA A 216 3.64 -16.72 -32.60
N GLN A 217 2.79 -16.09 -31.78
CA GLN A 217 3.23 -14.87 -31.08
C GLN A 217 2.36 -14.44 -29.90
N VAL A 218 2.88 -13.56 -29.05
CA VAL A 218 2.05 -12.92 -28.05
C VAL A 218 2.31 -11.42 -28.05
N PRO A 219 1.25 -10.61 -28.06
CA PRO A 219 1.50 -9.17 -27.88
C PRO A 219 1.34 -8.73 -26.42
N CYS A 220 2.07 -7.71 -26.02
CA CYS A 220 1.76 -7.03 -24.77
C CYS A 220 1.98 -5.54 -24.97
N THR A 221 1.50 -4.72 -24.04
CA THR A 221 1.59 -3.27 -24.20
C THR A 221 2.68 -2.61 -23.37
N LEU A 222 3.22 -3.32 -22.39
CA LEU A 222 4.40 -2.86 -21.65
C LEU A 222 5.28 -4.04 -21.38
N PRO A 223 6.59 -3.90 -21.61
CA PRO A 223 7.53 -4.93 -21.18
C PRO A 223 7.42 -5.06 -19.66
N GLN A 224 7.63 -6.25 -19.14
CA GLN A 224 7.40 -6.47 -17.72
C GLN A 224 8.33 -5.61 -16.86
N GLU A 225 9.58 -5.45 -17.28
CA GLU A 225 10.51 -4.64 -16.50
C GLU A 225 10.12 -3.15 -16.48
N PHE A 226 9.34 -2.71 -17.45
CA PHE A 226 8.78 -1.35 -17.41
C PHE A 226 7.80 -1.25 -16.24
N VAL A 227 6.97 -2.29 -16.10
CA VAL A 227 5.99 -2.34 -15.00
C VAL A 227 6.67 -2.26 -13.65
N SER A 228 7.64 -3.13 -13.41
CA SER A 228 8.30 -3.11 -12.10
C SER A 228 9.05 -1.79 -11.90
N HIS A 229 9.59 -1.23 -12.98
CA HIS A 229 10.27 0.06 -12.90
C HIS A 229 9.30 1.14 -12.41
N PHE A 230 8.09 1.18 -12.95
CA PHE A 230 7.13 2.21 -12.56
C PHE A 230 6.71 2.02 -11.10
N VAL A 231 6.45 0.77 -10.73
CA VAL A 231 6.06 0.42 -9.35
C VAL A 231 7.14 0.83 -8.36
N GLU A 232 8.37 0.55 -8.76
CA GLU A 232 9.54 0.87 -7.97
C GLU A 232 9.73 2.38 -7.77
N GLN A 233 9.56 3.12 -8.87
CA GLN A 233 9.94 4.52 -8.92
C GLN A 233 8.84 5.44 -8.37
N GLN A 234 7.58 5.12 -8.65
CA GLN A 234 6.45 5.95 -8.23
C GLN A 234 6.63 7.41 -8.66
N ALA A 235 7.10 7.61 -9.89
CA ALA A 235 7.38 8.97 -10.37
C ALA A 235 6.09 9.75 -10.58
N PRO A 236 6.09 11.05 -10.27
CA PRO A 236 4.92 11.86 -10.56
C PRO A 236 4.80 12.10 -12.05
N VAL A 237 3.57 12.14 -12.54
CA VAL A 237 3.33 12.47 -13.92
C VAL A 237 3.36 13.98 -14.03
N ARG A 238 4.20 14.50 -14.90
CA ARG A 238 4.42 15.92 -14.98
C ARG A 238 4.00 16.50 -16.32
N GLY A 239 3.32 15.69 -17.11
CA GLY A 239 2.89 16.17 -18.39
C GLY A 239 1.85 15.22 -18.95
N GLU A 240 1.36 15.54 -20.14
CA GLU A 240 0.29 14.76 -20.73
C GLU A 240 0.80 13.47 -21.37
N ALA A 241 2.07 13.48 -21.75
CA ALA A 241 2.70 12.31 -22.35
C ALA A 241 4.20 12.46 -22.25
N ALA A 242 4.91 11.34 -22.24
CA ALA A 242 6.36 11.37 -22.20
C ALA A 242 6.92 10.96 -23.55
N LEU A 243 7.73 11.84 -24.14
CA LEU A 243 8.42 11.51 -25.37
C LEU A 243 9.62 10.64 -25.03
N LEU A 244 9.70 9.48 -25.68
CA LEU A 244 10.84 8.59 -25.56
C LEU A 244 11.61 8.53 -26.86
N HIS A 245 12.92 8.31 -26.77
CA HIS A 245 13.72 7.98 -27.91
C HIS A 245 14.14 6.51 -27.79
N TYR A 246 14.14 5.81 -28.91
CA TYR A 246 14.65 4.43 -28.95
C TYR A 246 16.06 4.52 -29.52
N VAL A 247 17.05 4.26 -28.67
CA VAL A 247 18.44 4.62 -28.98
C VAL A 247 19.33 3.40 -29.15
N ASP A 248 20.21 3.45 -30.15
CA ASP A 248 21.24 2.42 -30.27
C ASP A 248 22.27 2.68 -29.17
N PRO A 249 22.48 1.69 -28.28
CA PRO A 249 23.31 1.94 -27.08
C PRO A 249 24.80 1.97 -27.37
N ASP A 250 25.18 1.69 -28.62
CA ASP A 250 26.58 1.69 -28.98
C ASP A 250 26.95 2.92 -29.76
N THR A 251 26.06 3.36 -30.66
CA THR A 251 26.36 4.52 -31.48
C THR A 251 25.67 5.75 -30.91
N HIS A 252 24.72 5.51 -30.01
CA HIS A 252 23.97 6.57 -29.36
C HIS A 252 23.04 7.34 -30.29
N ARG A 253 22.84 6.81 -31.49
CA ARG A 253 21.90 7.42 -32.43
C ARG A 253 20.46 7.18 -31.98
N ASN A 254 19.58 8.15 -32.20
CA ASN A 254 18.17 7.94 -31.95
C ASN A 254 17.56 7.25 -33.15
N LEU A 255 16.90 6.13 -32.88
CA LEU A 255 16.32 5.35 -33.97
C LEU A 255 14.83 5.60 -34.20
N GLY A 256 14.17 6.29 -33.26
CA GLY A 256 12.77 6.55 -33.43
C GLY A 256 12.14 7.23 -32.23
N GLU A 257 11.07 7.97 -32.47
CA GLU A 257 10.34 8.67 -31.42
C GLU A 257 9.12 7.87 -31.01
N PHE A 258 8.90 7.77 -29.71
CA PHE A 258 7.73 7.08 -29.18
C PHE A 258 7.10 7.94 -28.12
N LYS A 259 5.82 7.71 -27.87
CA LYS A 259 5.08 8.43 -26.84
C LYS A 259 4.60 7.46 -25.76
N LEU A 260 4.93 7.76 -24.51
CA LEU A 260 4.53 6.94 -23.38
C LEU A 260 3.42 7.67 -22.61
N TYR A 261 2.23 7.08 -22.57
CA TYR A 261 1.09 7.72 -21.94
C TYR A 261 0.94 7.38 -20.46
N PRO A 262 0.43 8.32 -19.67
CA PRO A 262 0.25 8.11 -18.22
C PRO A 262 -0.52 6.82 -17.89
N ASP A 263 -1.48 6.44 -18.72
CA ASP A 263 -2.27 5.23 -18.46
C ASP A 263 -1.45 3.95 -18.65
N GLY A 264 -0.23 4.09 -19.16
CA GLY A 264 0.69 2.96 -19.25
C GLY A 264 0.69 2.20 -20.57
N PHE A 265 0.88 2.92 -21.67
CA PHE A 265 1.10 2.28 -22.95
C PHE A 265 1.92 3.20 -23.84
N ILE A 266 2.38 2.66 -24.97
CA ILE A 266 3.30 3.37 -25.84
C ILE A 266 2.74 3.43 -27.25
N THR A 267 2.91 4.57 -27.92
CA THR A 267 2.51 4.70 -29.32
C THR A 267 3.67 5.17 -30.18
N CYS A 268 3.49 5.01 -31.49
CA CYS A 268 4.37 5.60 -32.47
C CYS A 268 3.52 6.07 -33.64
N VAL A 269 4.15 6.73 -34.59
CA VAL A 269 3.53 6.99 -35.87
C VAL A 269 4.33 6.15 -36.88
N PRO A 270 3.73 5.08 -37.38
CA PRO A 270 4.52 4.22 -38.28
C PRO A 270 4.59 4.81 -39.67
N ASN A 271 5.79 4.75 -40.26
CA ASN A 271 5.96 5.14 -41.65
C ASN A 271 5.06 4.28 -42.49
N THR A 272 4.50 4.84 -43.55
CA THR A 272 3.57 4.10 -44.38
C THR A 272 4.20 2.83 -44.95
N GLY A 273 3.48 1.71 -44.82
CA GLY A 273 3.98 0.44 -45.28
C GLY A 273 5.01 -0.16 -44.34
N GLY A 274 5.26 0.51 -43.22
CA GLY A 274 6.28 0.05 -42.28
C GLY A 274 5.90 0.23 -40.84
N GLY A 275 6.89 0.56 -40.02
CA GLY A 275 6.66 0.71 -38.60
C GLY A 275 7.78 0.15 -37.77
N PRO A 276 7.57 0.06 -36.45
CA PRO A 276 8.64 -0.30 -35.50
C PRO A 276 9.08 -1.75 -35.66
N GLN A 277 8.32 -2.53 -36.42
CA GLN A 277 8.73 -3.90 -36.72
C GLN A 277 10.02 -3.96 -37.55
N ASN A 278 10.37 -2.82 -38.16
CA ASN A 278 11.58 -2.73 -38.97
C ASN A 278 12.80 -2.25 -38.20
N LEU A 279 12.61 -1.93 -36.92
CA LEU A 279 13.69 -1.45 -36.09
C LEU A 279 14.48 -2.63 -35.53
N PRO A 280 15.77 -2.40 -35.24
CA PRO A 280 16.57 -3.41 -34.52
C PRO A 280 16.02 -3.60 -33.11
N THR A 281 16.25 -4.77 -32.53
CA THR A 281 15.67 -5.09 -31.23
C THR A 281 16.69 -4.95 -30.11
N ASN A 282 17.81 -4.33 -30.40
CA ASN A 282 18.83 -4.14 -29.37
C ASN A 282 18.88 -2.71 -28.89
N GLY A 283 17.84 -1.94 -29.21
CA GLY A 283 17.77 -0.55 -28.83
C GLY A 283 17.25 -0.35 -27.41
N VAL A 284 17.53 0.81 -26.84
CA VAL A 284 17.11 1.14 -25.48
C VAL A 284 16.19 2.35 -25.50
N PHE A 285 15.04 2.23 -24.83
CA PHE A 285 14.17 3.40 -24.65
C PHE A 285 14.76 4.34 -23.62
N VAL A 286 14.69 5.64 -23.91
CA VAL A 286 15.19 6.68 -23.03
C VAL A 286 14.21 7.83 -22.95
N PHE A 287 13.86 8.23 -21.74
CA PHE A 287 13.03 9.42 -21.55
C PHE A 287 13.69 10.66 -22.13
N SER A 288 12.94 11.42 -22.93
CA SER A 288 13.46 12.64 -23.52
C SER A 288 12.84 13.87 -22.86
N SER A 289 11.53 13.99 -22.93
CA SER A 289 10.85 15.13 -22.32
C SER A 289 9.36 14.88 -22.16
N TRP A 290 8.72 15.68 -21.30
CA TRP A 290 7.28 15.73 -21.24
C TRP A 290 6.78 16.57 -22.40
N VAL A 291 5.74 16.10 -23.07
CA VAL A 291 5.18 16.81 -24.21
C VAL A 291 3.66 16.84 -24.15
N SER A 292 3.05 17.55 -25.10
CA SER A 292 1.60 17.66 -25.16
C SER A 292 0.96 16.34 -25.60
N ARG A 293 -0.29 16.12 -25.18
CA ARG A 293 -1.02 14.90 -25.54
C ARG A 293 -1.17 14.78 -27.05
N TYR A 294 -0.92 15.87 -27.76
CA TYR A 294 -1.04 15.88 -29.22
C TYR A 294 0.26 16.21 -29.92
N TYR A 295 1.38 16.06 -29.21
CA TYR A 295 2.69 16.14 -29.84
C TYR A 295 2.75 15.18 -31.03
N GLN A 296 3.19 15.69 -32.18
CA GLN A 296 3.20 14.88 -33.40
C GLN A 296 4.54 14.21 -33.60
N LEU A 297 4.54 12.88 -33.53
CA LEU A 297 5.77 12.10 -33.59
C LEU A 297 6.32 12.01 -34.99
N LYS A 298 7.64 11.94 -35.07
CA LYS A 298 8.30 11.63 -36.32
C LYS A 298 8.02 10.18 -36.70
N PRO A 299 7.57 9.96 -37.94
CA PRO A 299 7.24 8.60 -38.37
C PRO A 299 8.45 7.68 -38.28
N VAL A 300 8.20 6.43 -37.92
CA VAL A 300 9.29 5.49 -37.62
C VAL A 300 9.22 4.24 -38.52
N LEU B 7 24.00 4.81 -5.59
CA LEU B 7 23.60 3.41 -5.65
C LEU B 7 22.26 3.23 -4.96
N THR B 8 21.39 2.45 -5.57
CA THR B 8 20.15 2.01 -4.91
C THR B 8 20.02 0.52 -5.14
N VAL B 9 19.16 -0.12 -4.35
CA VAL B 9 18.74 -1.49 -4.64
C VAL B 9 17.22 -1.46 -4.86
N PRO B 10 16.67 -2.50 -5.51
CA PRO B 10 15.24 -2.46 -5.85
C PRO B 10 14.33 -2.19 -4.67
N ASN B 11 13.45 -1.19 -4.82
CA ASN B 11 12.41 -0.92 -3.86
C ASN B 11 11.25 -1.86 -4.15
N ILE B 12 11.47 -3.15 -3.87
CA ILE B 12 10.50 -4.19 -4.16
C ILE B 12 10.60 -5.20 -3.02
N PRO B 13 9.48 -5.58 -2.41
CA PRO B 13 9.55 -6.56 -1.31
C PRO B 13 10.13 -7.89 -1.78
N LEU B 14 10.81 -8.58 -0.89
CA LEU B 14 11.52 -9.81 -1.22
C LEU B 14 10.65 -10.87 -1.90
N ASN B 15 9.42 -11.01 -1.44
CA ASN B 15 8.52 -12.01 -2.02
C ASN B 15 8.01 -11.67 -3.43
N ASN B 16 8.28 -10.44 -3.90
CA ASN B 16 7.97 -10.06 -5.27
C ASN B 16 9.22 -10.06 -6.14
N LEU B 17 10.29 -10.66 -5.62
CA LEU B 17 11.54 -10.81 -6.39
C LEU B 17 11.74 -12.24 -6.86
N ALA B 18 12.36 -12.38 -8.03
CA ALA B 18 12.54 -13.68 -8.66
C ALA B 18 13.88 -14.32 -8.30
N ASN B 19 13.87 -15.65 -8.28
CA ASN B 19 15.11 -16.42 -8.18
C ASN B 19 15.93 -16.20 -9.45
N SER B 20 17.24 -16.19 -9.31
CA SER B 20 18.12 -16.00 -10.45
C SER B 20 18.66 -17.31 -11.01
N ARG B 21 18.31 -18.44 -10.39
CA ARG B 21 18.80 -19.74 -10.85
C ARG B 21 17.68 -20.67 -11.34
N VAL B 22 16.45 -20.42 -10.92
CA VAL B 22 15.28 -21.11 -11.46
C VAL B 22 14.14 -20.12 -11.66
N PRO B 23 13.23 -20.41 -12.61
CA PRO B 23 12.11 -19.50 -12.83
C PRO B 23 11.07 -19.65 -11.73
N ALA B 24 11.27 -18.90 -10.65
CA ALA B 24 10.42 -19.03 -9.48
C ALA B 24 10.58 -17.77 -8.65
N MET B 25 9.67 -17.53 -7.74
CA MET B 25 9.74 -16.37 -6.87
C MET B 25 10.47 -16.75 -5.58
N ILE B 26 11.15 -15.79 -4.98
CA ILE B 26 11.82 -16.05 -3.71
C ILE B 26 10.77 -16.15 -2.62
N ASN B 27 10.91 -17.15 -1.76
CA ASN B 27 9.99 -17.23 -0.63
C ASN B 27 10.63 -17.15 0.75
N LYS B 28 11.96 -17.17 0.82
CA LYS B 28 12.64 -16.93 2.09
C LYS B 28 14.14 -16.72 1.90
N MET B 29 14.78 -16.27 2.97
CA MET B 29 16.22 -16.14 3.03
C MET B 29 16.74 -17.19 3.98
N THR B 30 17.99 -17.59 3.81
CA THR B 30 18.63 -18.44 4.80
C THR B 30 20.14 -18.32 4.70
N VAL B 31 20.82 -18.90 5.69
CA VAL B 31 22.25 -19.07 5.61
C VAL B 31 22.50 -20.56 5.47
N SER B 32 23.66 -20.91 4.93
CA SER B 32 23.98 -22.33 4.75
C SER B 32 24.27 -22.98 6.10
N THR B 33 23.94 -24.26 6.21
CA THR B 33 24.11 -25.02 7.45
C THR B 33 25.55 -24.95 7.95
N ASP B 34 26.49 -25.10 7.02
CA ASP B 34 27.89 -24.81 7.28
C ASP B 34 28.15 -23.41 6.73
N GLN B 35 28.35 -22.44 7.61
CA GLN B 35 28.53 -21.06 7.16
C GLN B 35 29.85 -20.81 6.45
N ASN B 36 30.73 -21.81 6.45
CA ASN B 36 31.97 -21.71 5.70
C ASN B 36 31.87 -22.28 4.29
N GLN B 37 30.69 -22.77 3.94
CA GLN B 37 30.50 -23.36 2.62
C GLN B 37 30.72 -22.33 1.52
N VAL B 38 31.49 -22.71 0.50
CA VAL B 38 31.75 -21.84 -0.64
C VAL B 38 30.88 -22.28 -1.81
N VAL B 39 30.26 -21.33 -2.49
CA VAL B 39 29.50 -21.67 -3.70
C VAL B 39 30.12 -21.00 -4.92
N GLN B 40 29.70 -21.46 -6.09
CA GLN B 40 30.21 -20.89 -7.33
C GLN B 40 29.11 -20.88 -8.39
N PHE B 41 27.92 -20.45 -7.98
CA PHE B 41 26.80 -20.32 -8.90
C PHE B 41 27.20 -19.50 -10.12
N GLN B 42 26.71 -19.89 -11.29
CA GLN B 42 27.05 -19.21 -12.53
C GLN B 42 25.94 -18.26 -12.97
N ASN B 43 24.74 -18.49 -12.46
CA ASN B 43 23.63 -17.56 -12.63
C ASN B 43 23.42 -16.74 -11.36
N GLY B 44 22.77 -15.58 -11.51
CA GLY B 44 22.60 -14.67 -10.40
C GLY B 44 23.88 -13.93 -10.02
N ARG B 45 24.81 -13.82 -10.96
CA ARG B 45 26.13 -13.25 -10.67
C ARG B 45 26.31 -11.94 -11.44
N CYS B 46 26.55 -10.87 -10.70
CA CYS B 46 26.70 -9.55 -11.30
C CYS B 46 27.37 -8.65 -10.28
N THR B 47 28.36 -7.88 -10.70
CA THR B 47 29.00 -6.93 -9.78
C THR B 47 28.07 -5.74 -9.58
N LEU B 48 28.29 -4.99 -8.50
CA LEU B 48 27.47 -3.81 -8.23
C LEU B 48 27.57 -2.77 -9.31
N GLU B 49 28.69 -2.74 -10.03
CA GLU B 49 28.87 -1.80 -11.13
C GLU B 49 28.10 -2.22 -12.37
N GLY B 50 27.48 -3.40 -12.33
CA GLY B 50 26.65 -3.86 -13.42
C GLY B 50 27.33 -4.74 -14.44
N GLN B 51 28.39 -5.44 -14.06
CA GLN B 51 29.06 -6.38 -14.95
C GLN B 51 28.52 -7.79 -14.72
N LEU B 52 27.84 -8.33 -15.71
CA LEU B 52 27.32 -9.69 -15.61
C LEU B 52 28.47 -10.68 -15.57
N LEU B 53 28.34 -11.71 -14.73
CA LEU B 53 29.36 -12.75 -14.64
C LEU B 53 28.78 -14.12 -14.96
N GLY B 54 29.64 -15.04 -15.38
CA GLY B 54 29.19 -16.40 -15.65
C GLY B 54 28.16 -16.42 -16.76
N THR B 55 27.10 -17.19 -16.58
CA THR B 55 26.05 -17.31 -17.58
C THR B 55 24.85 -16.40 -17.27
N THR B 56 25.02 -15.53 -16.28
CA THR B 56 23.92 -14.69 -15.80
C THR B 56 23.34 -13.80 -16.90
N PRO B 57 22.01 -13.88 -17.13
CA PRO B 57 21.31 -13.00 -18.07
C PRO B 57 20.68 -11.84 -17.31
N VAL B 58 19.97 -10.97 -18.02
CA VAL B 58 19.42 -9.77 -17.42
C VAL B 58 17.99 -9.99 -16.88
N SER B 59 17.16 -10.70 -17.62
CA SER B 59 15.74 -10.84 -17.28
C SER B 59 15.43 -12.13 -16.52
N ALA B 60 14.44 -12.07 -15.64
CA ALA B 60 13.97 -13.27 -14.96
C ALA B 60 13.43 -14.29 -15.96
N SER B 61 13.00 -13.83 -17.13
CA SER B 61 12.48 -14.76 -18.13
C SER B 61 13.57 -15.30 -19.06
N GLN B 62 14.83 -15.09 -18.68
CA GLN B 62 15.95 -15.75 -19.34
C GLN B 62 16.58 -16.81 -18.42
N VAL B 63 16.09 -16.88 -17.18
CA VAL B 63 16.71 -17.75 -16.17
C VAL B 63 16.39 -19.23 -16.36
N ALA B 64 17.44 -20.04 -16.47
CA ALA B 64 17.32 -21.50 -16.59
C ALA B 64 16.55 -21.92 -17.84
N ARG B 65 16.94 -21.33 -18.96
CA ARG B 65 16.34 -21.66 -20.24
C ARG B 65 17.40 -22.11 -21.21
N ILE B 66 16.97 -22.83 -22.24
CA ILE B 66 17.89 -23.41 -23.22
C ILE B 66 17.29 -23.24 -24.62
N ARG B 67 18.15 -22.90 -25.58
CA ARG B 67 17.75 -22.89 -26.98
C ARG B 67 18.83 -23.55 -27.82
N GLY B 68 18.41 -24.29 -28.84
CA GLY B 68 19.38 -24.88 -29.73
C GLY B 68 18.71 -25.55 -30.91
N LYS B 69 19.53 -26.01 -31.85
CA LYS B 69 19.02 -26.71 -33.00
C LYS B 69 19.25 -28.20 -32.82
N VAL B 70 18.18 -28.99 -32.97
CA VAL B 70 18.29 -30.43 -32.81
C VAL B 70 19.25 -31.05 -33.83
N PHE B 71 20.08 -31.98 -33.36
CA PHE B 71 20.88 -32.81 -34.27
C PHE B 71 20.66 -34.26 -33.92
N SER B 72 20.96 -35.15 -34.85
CA SER B 72 20.77 -36.56 -34.60
C SER B 72 21.91 -37.33 -35.21
N THR B 73 22.57 -38.16 -34.40
CA THR B 73 23.62 -39.02 -34.90
C THR B 73 23.27 -40.46 -34.59
N ALA B 74 24.14 -41.38 -34.96
CA ALA B 74 23.92 -42.80 -34.70
C ALA B 74 23.67 -43.09 -33.23
N SER B 75 24.26 -42.29 -32.35
CA SER B 75 24.18 -42.57 -30.92
C SER B 75 22.97 -41.91 -30.28
N GLY B 76 22.48 -40.83 -30.87
CA GLY B 76 21.29 -40.21 -30.36
C GLY B 76 21.12 -38.77 -30.78
N LYS B 77 20.27 -38.04 -30.08
CA LYS B 77 19.96 -36.67 -30.42
C LYS B 77 20.61 -35.69 -29.48
N GLY B 78 20.69 -34.43 -29.87
CA GLY B 78 21.17 -33.41 -28.97
C GLY B 78 20.78 -32.05 -29.49
N LEU B 79 21.20 -30.99 -28.80
CA LEU B 79 21.00 -29.64 -29.28
C LEU B 79 22.35 -29.01 -29.56
N ASN B 80 22.48 -28.37 -30.71
CA ASN B 80 23.58 -27.44 -30.94
C ASN B 80 23.12 -26.09 -30.42
N LEU B 81 23.75 -25.63 -29.34
CA LEU B 81 23.27 -24.48 -28.57
C LEU B 81 23.40 -23.12 -29.27
N THR B 82 22.42 -22.26 -29.02
CA THR B 82 22.55 -20.85 -29.37
C THR B 82 22.20 -20.04 -28.13
N GLU B 83 22.37 -18.72 -28.21
CA GLU B 83 21.80 -17.87 -27.18
C GLU B 83 20.28 -17.98 -27.28
N LEU B 84 19.58 -17.49 -26.26
CA LEU B 84 18.13 -17.66 -26.21
C LEU B 84 17.40 -16.86 -27.28
N ASP B 85 18.08 -15.89 -27.89
CA ASP B 85 17.48 -15.13 -28.99
C ASP B 85 17.85 -15.73 -30.35
N GLY B 86 18.53 -16.88 -30.33
CA GLY B 86 18.90 -17.57 -31.55
C GLY B 86 20.23 -17.16 -32.15
N THR B 87 20.89 -16.18 -31.53
CA THR B 87 22.18 -15.67 -32.02
C THR B 87 23.34 -16.56 -31.54
N PRO B 88 24.52 -16.45 -32.17
CA PRO B 88 25.64 -17.32 -31.81
C PRO B 88 26.04 -17.23 -30.34
N TYR B 89 26.24 -18.40 -29.76
CA TYR B 89 26.70 -18.56 -28.40
C TYR B 89 28.17 -18.14 -28.30
N HIS B 90 28.47 -17.30 -27.32
CA HIS B 90 29.79 -16.75 -27.09
C HIS B 90 30.63 -17.68 -26.20
N ALA B 91 31.05 -18.83 -26.70
CA ALA B 91 31.87 -19.74 -25.90
C ALA B 91 33.23 -19.13 -25.51
N PHE B 92 33.65 -18.10 -26.24
CA PHE B 92 34.97 -17.52 -26.02
C PHE B 92 35.01 -16.74 -24.71
N GLU B 93 33.84 -16.44 -24.15
CA GLU B 93 33.82 -15.63 -22.94
C GLU B 93 32.87 -16.11 -21.83
N SER B 94 32.11 -17.17 -22.07
CA SER B 94 31.19 -17.62 -21.02
C SER B 94 31.07 -19.15 -21.01
N PRO B 95 30.64 -19.72 -19.87
CA PRO B 95 30.62 -21.19 -19.73
C PRO B 95 29.57 -21.88 -20.59
N ALA B 96 28.55 -21.13 -21.00
CA ALA B 96 27.41 -21.68 -21.72
C ALA B 96 26.57 -20.47 -22.17
N PRO B 97 25.52 -20.69 -22.98
CA PRO B 97 24.70 -19.53 -23.36
C PRO B 97 24.14 -18.83 -22.13
N LEU B 98 23.91 -17.53 -22.23
CA LEU B 98 23.36 -16.81 -21.10
C LEU B 98 22.02 -17.42 -20.71
N GLY B 99 21.80 -17.53 -19.41
CA GLY B 99 20.59 -18.13 -18.88
C GLY B 99 20.61 -19.65 -18.76
N PHE B 100 21.61 -20.31 -19.35
CA PHE B 100 21.71 -21.77 -19.30
C PHE B 100 21.66 -22.23 -17.83
N PRO B 101 20.91 -23.31 -17.53
CA PRO B 101 20.79 -23.71 -16.12
C PRO B 101 22.14 -24.05 -15.50
N ASP B 102 22.26 -23.80 -14.20
CA ASP B 102 23.50 -24.08 -13.47
C ASP B 102 23.26 -24.98 -12.25
N ILE B 103 22.24 -25.81 -12.32
CA ILE B 103 21.95 -26.75 -11.23
C ILE B 103 22.76 -28.01 -11.49
N GLY B 104 23.86 -28.18 -10.77
CA GLY B 104 24.80 -29.24 -11.08
C GLY B 104 24.44 -30.65 -10.62
N ALA B 105 25.08 -31.63 -11.26
CA ALA B 105 25.10 -33.02 -10.79
C ALA B 105 23.71 -33.63 -10.62
N CYS B 106 22.89 -33.50 -11.65
CA CYS B 106 21.54 -34.05 -11.63
C CYS B 106 21.05 -34.14 -13.07
N ASP B 107 19.97 -34.91 -13.27
CA ASP B 107 19.29 -34.92 -14.56
C ASP B 107 18.42 -33.68 -14.66
N TRP B 108 18.34 -33.10 -15.86
CA TRP B 108 17.45 -31.99 -16.14
C TRP B 108 16.32 -32.46 -17.02
N HIS B 109 15.17 -31.81 -16.87
CA HIS B 109 14.04 -32.09 -17.73
C HIS B 109 13.54 -30.74 -18.20
N VAL B 110 13.73 -30.50 -19.50
CA VAL B 110 13.56 -29.17 -20.06
C VAL B 110 12.41 -29.20 -21.07
N SER B 111 11.40 -28.36 -20.87
CA SER B 111 10.24 -28.39 -21.74
C SER B 111 10.40 -27.34 -22.84
N THR B 112 10.48 -27.80 -24.08
CA THR B 112 10.77 -26.91 -25.21
C THR B 112 9.68 -26.97 -26.28
N PHE B 113 9.59 -25.91 -27.07
CA PHE B 113 8.72 -25.89 -28.24
C PHE B 113 9.52 -25.50 -29.47
N LYS B 114 9.03 -25.88 -30.63
CA LYS B 114 9.68 -25.54 -31.88
C LYS B 114 9.32 -24.12 -32.26
N VAL B 115 10.31 -23.29 -32.58
CA VAL B 115 10.05 -21.84 -32.74
C VAL B 115 9.05 -21.46 -33.83
N ASP B 116 9.09 -22.11 -34.98
CA ASP B 116 8.14 -21.86 -36.06
C ASP B 116 7.29 -23.10 -36.01
N GLN B 117 6.00 -22.91 -35.81
CA GLN B 117 5.26 -23.91 -35.12
C GLN B 117 4.45 -24.73 -36.10
N LEU B 119 1.15 -26.75 -37.15
CA LEU B 119 -0.25 -26.33 -37.30
C LEU B 119 -1.16 -27.07 -36.34
N SER B 120 -0.68 -28.16 -35.76
CA SER B 120 -1.54 -28.95 -34.90
C SER B 120 -0.80 -29.90 -33.99
N GLY B 121 -1.46 -30.32 -32.92
CA GLY B 121 -0.90 -31.29 -31.99
C GLY B 121 -0.17 -30.64 -30.84
N ASP B 122 0.20 -31.46 -29.86
CA ASP B 122 1.00 -31.05 -28.71
C ASP B 122 2.36 -30.51 -29.20
N PRO B 123 2.64 -29.22 -28.93
CA PRO B 123 3.88 -28.63 -29.42
C PRO B 123 5.08 -28.88 -28.51
N MET B 124 4.85 -29.43 -27.33
CA MET B 124 5.93 -29.51 -26.35
C MET B 124 6.74 -30.80 -26.45
N SER B 125 8.04 -30.67 -26.23
CA SER B 125 8.92 -31.82 -26.04
C SER B 125 9.59 -31.67 -24.68
N ARG B 126 9.70 -32.76 -23.94
CA ARG B 126 10.50 -32.74 -22.72
C ARG B 126 11.86 -33.34 -23.06
N LEU B 127 12.90 -32.53 -22.93
CA LEU B 127 14.25 -32.98 -23.21
C LEU B 127 14.87 -33.44 -21.90
N ASP B 128 15.30 -34.69 -21.87
CA ASP B 128 15.84 -35.28 -20.65
C ASP B 128 17.35 -35.31 -20.78
N VAL B 129 18.02 -34.54 -19.93
CA VAL B 129 19.44 -34.28 -20.09
C VAL B 129 20.22 -34.83 -18.90
N LYS B 130 21.26 -35.62 -19.17
CA LYS B 130 22.09 -36.15 -18.08
C LYS B 130 23.40 -35.38 -18.02
N GLN B 131 23.88 -35.14 -16.80
CA GLN B 131 25.18 -34.53 -16.63
C GLN B 131 26.22 -35.63 -16.42
N ASN B 132 26.36 -36.45 -17.43
CA ASN B 132 27.31 -37.54 -17.36
C ASN B 132 28.60 -37.10 -17.99
N ALA B 133 29.56 -38.02 -18.11
CA ALA B 133 30.89 -37.66 -18.66
C ALA B 133 30.90 -36.76 -19.92
N PRO B 134 30.01 -37.11 -20.89
CA PRO B 134 29.99 -36.36 -22.15
C PRO B 134 29.23 -35.04 -22.11
N PHE B 135 28.71 -34.62 -20.96
CA PHE B 135 27.95 -33.38 -20.90
C PHE B 135 28.99 -32.26 -20.97
N ALA B 136 28.95 -31.49 -22.06
CA ALA B 136 29.96 -30.45 -22.29
C ALA B 136 29.38 -29.24 -23.00
N PRO B 137 28.45 -28.54 -22.35
CA PRO B 137 27.76 -27.40 -22.98
C PRO B 137 28.69 -26.27 -23.40
N HIS B 138 29.83 -26.13 -22.74
CA HIS B 138 30.75 -25.07 -23.14
C HIS B 138 31.23 -25.25 -24.58
N LEU B 139 31.34 -26.50 -25.02
CA LEU B 139 31.76 -26.76 -26.40
C LEU B 139 30.62 -26.57 -27.40
N GLY B 140 29.43 -26.28 -26.90
CA GLY B 140 28.32 -25.86 -27.75
C GLY B 140 27.21 -26.85 -28.01
N SER B 141 27.26 -28.01 -27.36
CA SER B 141 26.20 -29.00 -27.56
C SER B 141 25.91 -29.77 -26.28
N ILE B 142 24.68 -30.25 -26.16
CA ILE B 142 24.33 -31.21 -25.12
C ILE B 142 23.57 -32.34 -25.78
N GLU B 143 23.58 -33.52 -25.18
CA GLU B 143 22.73 -34.58 -25.69
C GLU B 143 21.50 -34.73 -24.82
N PHE B 144 20.44 -35.29 -25.39
CA PHE B 144 19.22 -35.55 -24.64
C PHE B 144 18.55 -36.83 -25.13
N THR B 145 17.63 -37.33 -24.32
CA THR B 145 16.67 -38.29 -24.80
C THR B 145 15.30 -37.66 -24.60
N SER B 146 14.31 -38.10 -25.36
CA SER B 146 12.97 -37.51 -25.25
C SER B 146 11.94 -38.54 -25.68
N ASP B 147 10.80 -38.56 -24.99
CA ASP B 147 9.72 -39.43 -25.42
C ASP B 147 8.91 -38.79 -26.55
N GLN B 148 9.22 -37.53 -26.87
CA GLN B 148 8.60 -36.83 -27.98
C GLN B 148 9.56 -36.81 -29.16
N ASP B 149 9.25 -36.04 -30.21
CA ASP B 149 10.10 -36.00 -31.39
C ASP B 149 10.51 -34.59 -31.78
N PRO B 150 11.31 -33.93 -30.91
CA PRO B 150 11.72 -32.55 -31.21
C PRO B 150 12.61 -32.47 -32.44
N THR B 151 12.36 -31.45 -33.26
CA THR B 151 13.18 -31.16 -34.42
C THR B 151 13.42 -29.67 -34.52
N GLY B 152 14.44 -29.28 -35.29
CA GLY B 152 14.72 -27.88 -35.56
C GLY B 152 15.11 -27.06 -34.35
N ASP B 153 14.69 -25.78 -34.38
CA ASP B 153 15.03 -24.78 -33.38
C ASP B 153 14.12 -24.94 -32.17
N GLN B 154 14.65 -25.44 -31.06
CA GLN B 154 13.87 -25.68 -29.87
C GLN B 154 14.23 -24.66 -28.81
N LEU B 155 13.23 -24.06 -28.18
CA LEU B 155 13.44 -23.11 -27.10
C LEU B 155 12.60 -23.54 -25.91
N GLY B 156 13.18 -23.50 -24.71
CA GLY B 156 12.43 -23.92 -23.56
C GLY B 156 13.02 -23.62 -22.21
N THR B 157 12.40 -24.18 -21.18
CA THR B 157 12.69 -23.82 -19.80
C THR B 157 12.86 -25.07 -18.97
N LEU B 158 13.81 -25.03 -18.04
CA LEU B 158 13.99 -26.10 -17.09
C LEU B 158 12.70 -26.30 -16.29
N ALA B 159 12.16 -27.51 -16.34
CA ALA B 159 10.88 -27.80 -15.69
C ALA B 159 11.06 -28.45 -14.33
N TRP B 160 11.99 -29.41 -14.26
CA TRP B 160 12.29 -30.09 -13.00
C TRP B 160 13.63 -30.81 -13.09
N VAL B 161 14.15 -31.22 -11.93
CA VAL B 161 15.42 -31.93 -11.88
C VAL B 161 15.28 -33.20 -11.06
N SER B 162 16.13 -34.17 -11.30
CA SER B 162 16.03 -35.47 -10.61
C SER B 162 17.42 -36.09 -10.48
N PRO B 163 17.56 -37.13 -9.64
CA PRO B 163 18.89 -37.72 -9.40
C PRO B 163 19.52 -38.31 -10.64
N SER B 164 20.85 -38.22 -10.74
CA SER B 164 21.56 -38.70 -11.87
C SER B 164 21.49 -40.25 -11.98
N THR B 165 21.35 -40.88 -10.83
CA THR B 165 21.30 -42.32 -10.73
C THR B 165 20.32 -42.70 -9.66
N SER B 166 19.81 -43.92 -9.76
CA SER B 166 18.79 -44.35 -8.84
C SER B 166 19.43 -44.29 -7.48
N GLY B 167 18.71 -43.70 -6.53
CA GLY B 167 19.22 -43.56 -5.20
C GLY B 167 20.23 -42.43 -4.93
N ALA B 168 20.66 -41.63 -5.92
CA ALA B 168 21.34 -40.43 -5.57
C ALA B 168 20.40 -39.35 -5.12
N ARG B 169 20.96 -38.31 -4.57
CA ARG B 169 20.16 -37.20 -4.15
C ARG B 169 20.46 -36.06 -5.12
N VAL B 170 19.66 -35.03 -5.14
CA VAL B 170 19.97 -33.81 -5.89
C VAL B 170 20.43 -32.77 -4.91
N ASP B 171 21.58 -32.16 -5.19
CA ASP B 171 22.08 -31.07 -4.38
C ASP B 171 22.12 -29.82 -5.24
N PRO B 172 21.10 -28.97 -5.12
CA PRO B 172 21.01 -27.79 -5.99
C PRO B 172 22.05 -26.71 -5.65
N TRP B 173 22.90 -26.96 -4.67
CA TRP B 173 23.98 -26.03 -4.32
C TRP B 173 25.23 -26.27 -5.18
N LYS B 174 25.20 -27.30 -6.01
CA LYS B 174 26.31 -27.61 -6.91
C LYS B 174 26.08 -26.97 -8.28
N ILE B 175 27.16 -26.80 -9.02
CA ILE B 175 27.09 -26.32 -10.40
C ILE B 175 27.55 -27.41 -11.38
N PRO B 176 27.22 -27.27 -12.67
CA PRO B 176 27.67 -28.26 -13.64
C PRO B 176 29.17 -28.20 -13.92
N SER B 177 29.67 -29.23 -14.57
CA SER B 177 30.96 -29.22 -15.22
C SER B 177 30.72 -28.93 -16.69
N TYR B 178 31.03 -27.70 -17.11
CA TYR B 178 30.67 -27.21 -18.44
C TYR B 178 31.56 -27.72 -19.57
N GLY B 179 32.78 -28.14 -19.24
CA GLY B 179 33.73 -28.57 -20.26
C GLY B 179 33.74 -30.07 -20.48
N SER B 180 34.48 -30.51 -21.49
CA SER B 180 34.59 -31.93 -21.77
C SER B 180 35.77 -32.55 -21.03
N THR B 181 36.81 -31.74 -20.81
CA THR B 181 37.96 -32.21 -20.06
C THR B 181 38.19 -31.28 -18.89
N THR B 183 40.95 -29.77 -18.33
CA THR B 183 41.84 -28.69 -18.73
C THR B 183 41.18 -27.68 -19.66
N GLU B 184 39.92 -27.91 -20.00
CA GLU B 184 39.19 -26.98 -20.85
C GLU B 184 38.83 -25.72 -20.08
N SER B 185 39.20 -24.56 -20.62
CA SER B 185 38.87 -23.28 -20.00
C SER B 185 37.40 -22.97 -20.23
N THR B 186 36.64 -22.79 -19.15
CA THR B 186 35.21 -22.54 -19.28
C THR B 186 34.73 -21.16 -18.80
N HIS B 187 35.64 -20.28 -18.40
CA HIS B 187 35.27 -18.89 -18.08
C HIS B 187 34.24 -18.73 -16.95
N LEU B 188 34.39 -19.54 -15.90
CA LEU B 188 33.46 -19.53 -14.79
C LEU B 188 33.53 -18.23 -13.99
N ALA B 189 32.36 -17.78 -13.54
CA ALA B 189 32.32 -16.76 -12.50
C ALA B 189 33.02 -17.37 -11.29
N PRO B 190 33.81 -16.56 -10.57
CA PRO B 190 34.61 -17.08 -9.47
C PRO B 190 33.77 -17.50 -8.25
N PRO B 191 34.36 -18.29 -7.34
CA PRO B 191 33.67 -18.68 -6.11
C PRO B 191 33.31 -17.47 -5.28
N ILE B 192 32.28 -17.62 -4.46
CA ILE B 192 31.90 -16.61 -3.50
C ILE B 192 32.35 -17.10 -2.12
N PHE B 193 33.27 -16.39 -1.50
CA PHE B 193 33.80 -16.78 -0.19
C PHE B 193 33.15 -16.00 0.93
N PRO B 194 32.63 -16.70 1.96
CA PRO B 194 32.22 -16.01 3.18
C PRO B 194 33.38 -15.13 3.65
N PRO B 195 33.13 -13.83 3.89
CA PRO B 195 34.24 -12.89 4.04
C PRO B 195 34.84 -12.81 5.45
N GLY B 196 34.33 -13.60 6.38
CA GLY B 196 34.93 -13.68 7.70
C GLY B 196 34.19 -12.90 8.78
N PHE B 197 34.77 -12.93 9.98
CA PHE B 197 34.24 -12.19 11.14
C PHE B 197 32.78 -12.51 11.43
N GLY B 198 32.43 -13.77 11.24
CA GLY B 198 31.11 -14.25 11.60
C GLY B 198 30.07 -13.95 10.55
N GLU B 199 30.46 -13.34 9.44
CA GLU B 199 29.50 -13.06 8.38
C GLU B 199 29.16 -14.31 7.60
N ALA B 200 27.90 -14.41 7.19
CA ALA B 200 27.44 -15.54 6.39
C ALA B 200 26.77 -15.04 5.13
N ILE B 201 27.02 -15.73 4.02
CA ILE B 201 26.37 -15.42 2.75
C ILE B 201 24.85 -15.62 2.89
N VAL B 202 24.08 -14.66 2.41
CA VAL B 202 22.63 -14.79 2.43
C VAL B 202 22.16 -15.46 1.15
N TYR B 203 21.41 -16.54 1.30
CA TYR B 203 20.88 -17.28 0.16
C TYR B 203 19.39 -17.06 0.05
N PHE B 204 18.93 -16.78 -1.17
CA PHE B 204 17.53 -16.53 -1.43
C PHE B 204 16.92 -17.79 -2.05
N MET B 205 15.91 -18.33 -1.38
CA MET B 205 15.43 -19.68 -1.67
C MET B 205 14.11 -19.66 -2.40
N SER B 206 13.92 -20.62 -3.30
CA SER B 206 12.63 -20.78 -3.97
C SER B 206 12.20 -22.24 -3.99
N ASP B 207 10.90 -22.47 -3.87
CA ASP B 207 10.35 -23.79 -4.12
C ASP B 207 10.57 -24.10 -5.60
N PHE B 208 10.91 -25.35 -5.88
CA PHE B 208 11.09 -25.82 -7.25
C PHE B 208 11.03 -27.33 -7.23
N PRO B 209 10.45 -27.94 -8.29
CA PRO B 209 10.33 -29.41 -8.28
C PRO B 209 11.68 -30.10 -8.42
N ILE B 210 12.22 -30.49 -7.26
CA ILE B 210 13.43 -31.28 -7.19
C ILE B 210 13.01 -32.64 -6.69
N VAL B 211 13.17 -33.66 -7.52
CA VAL B 211 12.84 -34.99 -7.07
C VAL B 211 14.01 -35.51 -6.28
N SER B 212 13.78 -35.73 -5.00
CA SER B 212 14.79 -36.18 -4.06
C SER B 212 16.02 -35.28 -4.05
N ALA B 216 14.61 -29.16 -0.76
CA ALA B 216 13.43 -28.98 -1.62
C ALA B 216 13.42 -27.60 -2.24
N GLN B 217 14.45 -26.80 -1.92
CA GLN B 217 14.50 -25.44 -2.41
C GLN B 217 15.81 -25.13 -3.11
N VAL B 218 15.73 -24.23 -4.09
CA VAL B 218 16.91 -23.83 -4.84
C VAL B 218 17.42 -22.49 -4.30
N PRO B 219 18.70 -22.43 -3.95
CA PRO B 219 19.28 -21.17 -3.47
C PRO B 219 19.83 -20.32 -4.61
N CYS B 220 19.85 -19.01 -4.41
CA CYS B 220 20.63 -18.13 -5.28
C CYS B 220 21.23 -17.03 -4.43
N THR B 221 22.20 -16.30 -4.98
CA THR B 221 22.89 -15.29 -4.18
C THR B 221 22.47 -13.84 -4.48
N LEU B 222 21.77 -13.61 -5.58
CA LEU B 222 21.12 -12.32 -5.84
C LEU B 222 19.75 -12.57 -6.45
N PRO B 223 18.71 -11.89 -5.95
CA PRO B 223 17.43 -11.92 -6.64
C PRO B 223 17.65 -11.37 -8.06
N GLN B 224 16.93 -11.91 -9.04
CA GLN B 224 17.20 -11.53 -10.43
C GLN B 224 17.01 -10.03 -10.67
N GLU B 225 16.02 -9.43 -10.02
CA GLU B 225 15.80 -8.00 -10.20
C GLU B 225 16.93 -7.14 -9.64
N PHE B 226 17.72 -7.66 -8.68
CA PHE B 226 18.93 -6.98 -8.23
C PHE B 226 19.94 -6.94 -9.37
N VAL B 227 20.08 -8.07 -10.06
CA VAL B 227 20.96 -8.15 -11.22
C VAL B 227 20.62 -7.12 -12.28
N SER B 228 19.36 -7.09 -12.72
CA SER B 228 18.98 -6.14 -13.77
C SER B 228 19.11 -4.70 -13.26
N HIS B 229 18.85 -4.49 -11.97
CA HIS B 229 19.00 -3.17 -11.38
C HIS B 229 20.46 -2.70 -11.50
N PHE B 230 21.41 -3.59 -11.19
CA PHE B 230 22.83 -3.21 -11.27
C PHE B 230 23.27 -2.96 -12.72
N VAL B 231 22.82 -3.81 -13.64
CA VAL B 231 23.14 -3.64 -15.05
C VAL B 231 22.61 -2.31 -15.56
N GLU B 232 21.40 -2.02 -15.16
CA GLU B 232 20.73 -0.84 -15.60
C GLU B 232 21.37 0.45 -15.10
N GLN B 233 21.78 0.46 -13.84
CA GLN B 233 22.31 1.68 -13.22
C GLN B 233 23.76 1.97 -13.56
N GLN B 234 24.58 0.92 -13.72
CA GLN B 234 26.02 1.10 -13.95
C GLN B 234 26.59 2.08 -12.92
N ALA B 235 26.23 1.87 -11.66
CA ALA B 235 26.61 2.80 -10.61
C ALA B 235 28.08 2.65 -10.27
N PRO B 236 28.75 3.77 -10.00
CA PRO B 236 30.12 3.67 -9.50
C PRO B 236 30.11 3.11 -8.10
N VAL B 237 31.05 2.22 -7.83
CA VAL B 237 31.21 1.68 -6.49
C VAL B 237 32.05 2.66 -5.69
N ARG B 238 31.44 3.25 -4.66
CA ARG B 238 32.08 4.35 -3.95
C ARG B 238 32.60 3.95 -2.58
N GLY B 239 32.56 2.66 -2.28
CA GLY B 239 33.07 2.16 -1.02
C GLY B 239 33.35 0.68 -1.12
N GLU B 240 33.85 0.10 -0.03
CA GLU B 240 34.23 -1.31 -0.03
C GLU B 240 33.02 -2.25 0.12
N ALA B 241 31.93 -1.71 0.66
CA ALA B 241 30.70 -2.47 0.77
C ALA B 241 29.52 -1.51 0.91
N ALA B 242 28.32 -1.99 0.60
CA ALA B 242 27.12 -1.18 0.76
C ALA B 242 26.29 -1.71 1.92
N LEU B 243 26.07 -0.87 2.93
CA LEU B 243 25.22 -1.26 4.05
C LEU B 243 23.76 -1.15 3.63
N LEU B 244 23.01 -2.24 3.79
CA LEU B 244 21.59 -2.24 3.50
C LEU B 244 20.80 -2.44 4.79
N HIS B 245 19.60 -1.88 4.82
CA HIS B 245 18.63 -2.22 5.85
C HIS B 245 17.50 -3.00 5.21
N TYR B 246 17.03 -4.02 5.91
CA TYR B 246 15.88 -4.80 5.46
C TYR B 246 14.66 -4.26 6.22
N VAL B 247 13.77 -3.58 5.51
CA VAL B 247 12.72 -2.81 6.16
C VAL B 247 11.32 -3.41 5.96
N ASP B 248 10.55 -3.48 7.04
CA ASP B 248 9.16 -3.92 6.92
C ASP B 248 8.37 -2.81 6.21
N PRO B 249 7.74 -3.13 5.07
CA PRO B 249 7.12 -2.05 4.28
C PRO B 249 5.79 -1.56 4.85
N ASP B 250 5.24 -2.29 5.81
CA ASP B 250 3.96 -1.89 6.39
C ASP B 250 4.14 -1.08 7.67
N THR B 251 5.17 -1.40 8.43
CA THR B 251 5.42 -0.72 9.70
C THR B 251 6.64 0.19 9.64
N HIS B 252 7.44 0.00 8.58
CA HIS B 252 8.62 0.85 8.31
C HIS B 252 9.69 0.64 9.35
N ARG B 253 9.67 -0.49 10.04
CA ARG B 253 10.71 -0.78 11.00
C ARG B 253 11.88 -1.51 10.35
N ASN B 254 13.09 -1.15 10.78
CA ASN B 254 14.30 -1.82 10.32
C ASN B 254 14.39 -3.19 10.96
N LEU B 255 14.37 -4.24 10.13
CA LEU B 255 14.38 -5.61 10.62
C LEU B 255 15.79 -6.21 10.70
N GLY B 256 16.77 -5.52 10.11
CA GLY B 256 18.12 -6.03 10.17
C GLY B 256 19.09 -5.41 9.18
N GLU B 257 20.38 -5.49 9.54
CA GLU B 257 21.46 -4.96 8.72
C GLU B 257 22.07 -6.04 7.84
N PHE B 258 22.36 -5.67 6.60
CA PHE B 258 22.99 -6.57 5.65
C PHE B 258 24.11 -5.83 4.91
N LYS B 259 25.10 -6.56 4.43
CA LYS B 259 26.14 -5.96 3.61
C LYS B 259 26.12 -6.50 2.19
N LEU B 260 26.11 -5.58 1.23
CA LEU B 260 26.16 -5.94 -0.18
C LEU B 260 27.57 -5.63 -0.69
N TYR B 261 28.27 -6.66 -1.16
CA TYR B 261 29.67 -6.51 -1.56
C TYR B 261 29.77 -6.24 -3.06
N PRO B 262 30.81 -5.48 -3.46
CA PRO B 262 31.03 -5.12 -4.86
C PRO B 262 31.02 -6.31 -5.82
N ASP B 263 31.50 -7.47 -5.38
CA ASP B 263 31.51 -8.65 -6.25
C ASP B 263 30.11 -9.23 -6.49
N GLY B 264 29.12 -8.72 -5.77
CA GLY B 264 27.73 -9.06 -6.04
C GLY B 264 27.16 -10.19 -5.21
N PHE B 265 27.23 -10.04 -3.90
CA PHE B 265 26.59 -10.97 -2.98
C PHE B 265 26.29 -10.21 -1.68
N ILE B 266 25.45 -10.82 -0.86
CA ILE B 266 24.96 -10.19 0.35
C ILE B 266 25.26 -11.06 1.56
N THR B 267 25.67 -10.41 2.66
CA THR B 267 25.91 -11.14 3.90
C THR B 267 25.14 -10.54 5.05
N CYS B 268 25.08 -11.31 6.13
CA CYS B 268 24.59 -10.83 7.40
C CYS B 268 25.44 -11.52 8.45
N VAL B 269 25.25 -11.14 9.71
CA VAL B 269 25.76 -11.93 10.81
C VAL B 269 24.54 -12.59 11.42
N PRO B 270 24.40 -13.91 11.24
CA PRO B 270 23.19 -14.55 11.76
C PRO B 270 23.29 -14.73 13.26
N ASN B 271 22.19 -14.47 13.93
CA ASN B 271 22.13 -14.73 15.34
C ASN B 271 22.32 -16.22 15.55
N THR B 272 23.04 -16.56 16.61
CA THR B 272 23.32 -17.95 16.92
C THR B 272 22.04 -18.74 17.10
N GLY B 273 21.90 -19.85 16.37
CA GLY B 273 20.67 -20.64 16.39
C GLY B 273 19.59 -20.09 15.48
N GLY B 274 19.89 -18.98 14.81
CA GLY B 274 18.91 -18.34 13.95
C GLY B 274 19.50 -17.82 12.66
N GLY B 275 19.02 -16.65 12.24
CA GLY B 275 19.50 -16.05 11.02
C GLY B 275 18.35 -15.44 10.24
N PRO B 276 18.61 -15.02 8.99
CA PRO B 276 17.59 -14.32 8.21
C PRO B 276 16.41 -15.21 7.85
N GLN B 277 16.54 -16.53 8.04
CA GLN B 277 15.41 -17.43 7.84
C GLN B 277 14.28 -17.18 8.83
N ASN B 278 14.58 -16.48 9.92
CA ASN B 278 13.56 -16.15 10.91
C ASN B 278 12.90 -14.79 10.67
N LEU B 279 13.33 -14.10 9.61
CA LEU B 279 12.78 -12.79 9.30
C LEU B 279 11.55 -12.92 8.40
N PRO B 280 10.67 -11.91 8.44
CA PRO B 280 9.54 -11.87 7.50
C PRO B 280 10.07 -11.88 6.08
N THR B 281 9.28 -12.40 5.16
CA THR B 281 9.73 -12.54 3.78
C THR B 281 9.19 -11.45 2.85
N ASN B 282 8.62 -10.41 3.44
CA ASN B 282 8.03 -9.33 2.65
C ASN B 282 8.73 -7.99 2.84
N GLY B 283 9.94 -8.03 3.37
CA GLY B 283 10.72 -6.82 3.62
C GLY B 283 11.35 -6.27 2.36
N VAL B 284 11.76 -5.01 2.43
CA VAL B 284 12.40 -4.33 1.31
C VAL B 284 13.82 -3.93 1.71
N PHE B 285 14.80 -4.30 0.89
CA PHE B 285 16.17 -3.85 1.13
C PHE B 285 16.31 -2.40 0.70
N VAL B 286 16.98 -1.61 1.54
CA VAL B 286 17.18 -0.20 1.26
C VAL B 286 18.65 0.15 1.49
N PHE B 287 19.27 0.78 0.50
CA PHE B 287 20.65 1.24 0.65
C PHE B 287 20.74 2.30 1.74
N SER B 288 21.68 2.12 2.66
CA SER B 288 21.87 3.08 3.75
C SER B 288 23.12 3.93 3.54
N SER B 289 24.26 3.28 3.33
CA SER B 289 25.53 3.99 3.24
C SER B 289 26.61 3.11 2.65
N TRP B 290 27.58 3.74 1.98
CA TRP B 290 28.84 3.04 1.67
C TRP B 290 29.62 2.88 2.96
N VAL B 291 30.18 1.69 3.18
CA VAL B 291 30.92 1.40 4.40
C VAL B 291 32.20 0.62 4.12
N SER B 292 33.05 0.52 5.15
CA SER B 292 34.25 -0.28 5.08
C SER B 292 33.90 -1.75 4.94
N ARG B 293 34.83 -2.48 4.35
CA ARG B 293 34.68 -3.91 4.18
C ARG B 293 34.46 -4.59 5.52
N TYR B 294 35.00 -3.98 6.56
CA TYR B 294 34.94 -4.54 7.90
C TYR B 294 33.89 -3.92 8.79
N TYR B 295 32.94 -3.20 8.20
CA TYR B 295 31.80 -2.69 8.95
C TYR B 295 31.18 -3.85 9.73
N GLN B 296 30.96 -3.62 11.00
CA GLN B 296 30.55 -4.66 11.92
C GLN B 296 29.03 -4.68 12.06
N LEU B 297 28.41 -5.74 11.55
CA LEU B 297 26.94 -5.85 11.50
C LEU B 297 26.34 -6.31 12.83
N LYS B 298 25.15 -5.82 13.16
CA LYS B 298 24.37 -6.38 14.24
C LYS B 298 23.78 -7.69 13.80
N PRO B 299 23.82 -8.69 14.68
CA PRO B 299 23.28 -10.00 14.32
C PRO B 299 21.79 -9.95 14.01
N VAL B 300 21.32 -10.77 13.07
CA VAL B 300 19.92 -10.76 12.67
C VAL B 300 19.24 -12.08 12.91
N LEU C 7 7.37 0.52 23.79
CA LEU C 7 6.81 1.76 23.29
C LEU C 7 6.83 1.78 21.79
N THR C 8 5.75 2.25 21.21
CA THR C 8 5.70 2.54 19.78
C THR C 8 5.09 3.93 19.66
N VAL C 9 5.18 4.51 18.47
CA VAL C 9 4.46 5.73 18.14
C VAL C 9 3.57 5.38 16.95
N PRO C 10 2.53 6.20 16.68
CA PRO C 10 1.59 5.89 15.62
C PRO C 10 2.23 5.59 14.26
N ASN C 11 1.87 4.46 13.67
CA ASN C 11 2.30 4.08 12.33
C ASN C 11 1.36 4.74 11.32
N ILE C 12 1.43 6.06 11.26
CA ILE C 12 0.53 6.88 10.45
C ILE C 12 1.34 8.05 9.89
N PRO C 13 1.24 8.31 8.57
CA PRO C 13 2.00 9.42 8.00
C PRO C 13 1.55 10.73 8.62
N LEU C 14 2.47 11.69 8.65
CA LEU C 14 2.20 12.93 9.36
C LEU C 14 1.00 13.69 8.82
N ASN C 15 0.79 13.67 7.51
CA ASN C 15 -0.36 14.37 6.93
C ASN C 15 -1.70 13.69 7.21
N ASN C 16 -1.66 12.50 7.81
CA ASN C 16 -2.88 11.83 8.28
C ASN C 16 -3.03 11.93 9.80
N LEU C 17 -2.24 12.82 10.42
CA LEU C 17 -2.33 13.05 11.86
C LEU C 17 -3.06 14.35 12.15
N ALA C 18 -3.81 14.39 13.25
CA ALA C 18 -4.59 15.57 13.59
C ALA C 18 -3.84 16.50 14.54
N ASN C 19 -4.14 17.80 14.41
CA ASN C 19 -3.67 18.78 15.37
C ASN C 19 -4.36 18.51 16.70
N SER C 20 -3.65 18.78 17.79
CA SER C 20 -4.19 18.54 19.13
C SER C 20 -4.72 19.82 19.80
N ARG C 21 -4.63 20.94 19.08
CA ARG C 21 -5.11 22.22 19.61
C ARG C 21 -6.28 22.82 18.82
N VAL C 22 -6.43 22.42 17.57
CA VAL C 22 -7.58 22.79 16.77
C VAL C 22 -8.04 21.58 15.95
N PRO C 23 -9.33 21.53 15.59
CA PRO C 23 -9.80 20.40 14.80
C PRO C 23 -9.35 20.55 13.34
N ALA C 24 -8.16 20.04 13.05
CA ALA C 24 -7.56 20.21 11.73
C ALA C 24 -6.48 19.16 11.58
N MET C 25 -6.06 18.92 10.34
CA MET C 25 -4.98 17.97 10.08
C MET C 25 -3.64 18.68 10.07
N ILE C 26 -2.58 17.95 10.40
CA ILE C 26 -1.24 18.53 10.36
C ILE C 26 -0.80 18.68 8.92
N ASN C 27 -0.27 19.84 8.56
CA ASN C 27 0.26 19.93 7.20
C ASN C 27 1.74 20.17 7.12
N LYS C 28 2.39 20.48 8.24
CA LYS C 28 3.84 20.44 8.29
C LYS C 28 4.39 20.54 9.69
N MET C 29 5.71 20.36 9.79
CA MET C 29 6.46 20.55 11.01
C MET C 29 7.28 21.81 10.88
N THR C 30 7.64 22.41 12.00
CA THR C 30 8.58 23.52 11.98
C THR C 30 9.24 23.66 13.33
N VAL C 31 10.29 24.47 13.39
CA VAL C 31 10.85 24.89 14.65
C VAL C 31 10.52 26.37 14.82
N SER C 32 10.59 26.87 16.05
CA SER C 32 10.25 28.27 16.29
C SER C 32 11.35 29.19 15.80
N THR C 33 10.96 30.37 15.33
CA THR C 33 11.92 31.34 14.82
C THR C 33 12.95 31.67 15.91
N ASP C 34 12.48 31.85 17.12
CA ASP C 34 13.35 31.92 18.29
C ASP C 34 13.40 30.52 18.90
N GLN C 35 14.54 29.85 18.78
CA GLN C 35 14.59 28.45 19.20
C GLN C 35 14.65 28.23 20.71
N ASN C 36 14.77 29.33 21.47
CA ASN C 36 14.64 29.26 22.91
C ASN C 36 13.24 29.62 23.41
N GLN C 37 12.31 29.84 22.49
CA GLN C 37 10.94 30.18 22.87
C GLN C 37 10.29 29.08 23.70
N VAL C 38 9.69 29.46 24.83
CA VAL C 38 9.02 28.51 25.70
C VAL C 38 7.51 28.56 25.48
N VAL C 39 6.88 27.40 25.33
CA VAL C 39 5.43 27.35 25.22
C VAL C 39 4.82 26.63 26.41
N GLN C 40 3.51 26.78 26.57
CA GLN C 40 2.82 26.11 27.67
C GLN C 40 1.42 25.70 27.24
N PHE C 41 1.33 25.11 26.05
CA PHE C 41 0.07 24.61 25.54
C PHE C 41 -0.62 23.71 26.56
N GLN C 42 -1.95 23.81 26.64
CA GLN C 42 -2.70 23.02 27.61
C GLN C 42 -3.36 21.81 26.97
N ASN C 43 -3.53 21.87 25.64
CA ASN C 43 -3.95 20.70 24.87
C ASN C 43 -2.77 20.09 24.12
N GLY C 44 -2.93 18.83 23.74
CA GLY C 44 -1.83 18.11 23.11
C GLY C 44 -0.74 17.74 24.10
N ARG C 45 -1.10 17.66 25.38
CA ARG C 45 -0.11 17.39 26.43
C ARG C 45 -0.36 16.04 27.08
N CYS C 46 0.65 15.18 27.04
CA CYS C 46 0.52 13.83 27.58
C CYS C 46 1.90 13.27 27.76
N THR C 47 2.16 12.62 28.89
CA THR C 47 3.45 11.95 29.10
C THR C 47 3.52 10.65 28.29
N LEU C 48 4.73 10.15 28.08
CA LEU C 48 4.86 8.90 27.32
C LEU C 48 4.23 7.74 28.02
N GLU C 49 4.14 7.78 29.35
CA GLU C 49 3.50 6.70 30.07
C GLU C 49 1.98 6.73 29.91
N GLY C 50 1.45 7.79 29.32
CA GLY C 50 0.02 7.89 29.07
C GLY C 50 -0.79 8.72 30.07
N GLN C 51 -0.13 9.65 30.75
CA GLN C 51 -0.84 10.55 31.66
C GLN C 51 -1.20 11.85 30.95
N LEU C 52 -2.50 12.11 30.77
CA LEU C 52 -2.94 13.36 30.19
C LEU C 52 -2.58 14.53 31.10
N LEU C 53 -2.21 15.65 30.50
CA LEU C 53 -1.89 16.87 31.23
C LEU C 53 -2.75 18.02 30.74
N GLY C 54 -2.95 19.02 31.60
CA GLY C 54 -3.74 20.17 31.24
C GLY C 54 -5.18 19.78 30.94
N THR C 55 -5.71 20.30 29.83
CA THR C 55 -7.09 20.02 29.43
C THR C 55 -7.15 18.97 28.32
N THR C 56 -6.00 18.37 28.03
CA THR C 56 -5.88 17.44 26.90
C THR C 56 -6.86 16.27 26.99
N PRO C 57 -7.66 16.08 25.93
CA PRO C 57 -8.57 14.94 25.86
C PRO C 57 -7.92 13.81 25.06
N VAL C 58 -8.64 12.69 24.91
CA VAL C 58 -8.09 11.52 24.24
C VAL C 58 -8.30 11.55 22.72
N SER C 59 -9.49 11.95 22.29
CA SER C 59 -9.86 11.88 20.87
C SER C 59 -9.70 13.21 20.15
N ALA C 60 -9.35 13.13 18.87
CA ALA C 60 -9.30 14.31 18.01
C ALA C 60 -10.64 15.03 17.96
N SER C 61 -11.73 14.29 18.18
CA SER C 61 -13.05 14.90 18.12
C SER C 61 -13.51 15.50 19.45
N GLN C 62 -12.58 15.62 20.40
CA GLN C 62 -12.81 16.35 21.64
C GLN C 62 -11.97 17.64 21.66
N VAL C 63 -11.13 17.83 20.64
CA VAL C 63 -10.18 18.95 20.63
C VAL C 63 -10.82 20.30 20.34
N ALA C 64 -10.62 21.26 21.24
CA ALA C 64 -11.11 22.64 21.07
C ALA C 64 -12.62 22.69 20.93
N ARG C 65 -13.29 22.01 21.85
CA ARG C 65 -14.74 22.00 21.88
C ARG C 65 -15.24 22.51 23.22
N ILE C 66 -16.48 22.98 23.22
CA ILE C 66 -17.09 23.58 24.41
C ILE C 66 -18.52 23.08 24.55
N ARG C 67 -18.93 22.78 25.78
CA ARG C 67 -20.32 22.45 26.03
C ARG C 67 -20.77 23.14 27.31
N GLY C 68 -22.00 23.66 27.34
CA GLY C 68 -22.50 24.26 28.55
C GLY C 68 -23.96 24.64 28.44
N LYS C 69 -24.55 25.11 29.53
CA LYS C 69 -25.95 25.53 29.54
C LYS C 69 -26.02 27.05 29.51
N VAL C 70 -26.86 27.56 28.62
CA VAL C 70 -27.01 29.01 28.48
C VAL C 70 -27.68 29.57 29.74
N PHE C 71 -27.14 30.67 30.26
CA PHE C 71 -27.75 31.39 31.38
C PHE C 71 -27.70 32.90 31.16
N SER C 72 -28.50 33.64 31.94
CA SER C 72 -28.56 35.08 31.79
C SER C 72 -27.49 35.79 32.61
N THR C 73 -26.77 36.70 31.95
CA THR C 73 -25.80 37.53 32.63
C THR C 73 -26.28 38.98 32.68
N ALA C 74 -25.47 39.87 33.24
CA ALA C 74 -25.85 41.28 33.34
C ALA C 74 -26.02 41.95 31.97
N SER C 75 -25.24 41.52 30.99
CA SER C 75 -25.26 42.14 29.66
C SER C 75 -25.96 41.29 28.61
N GLY C 76 -26.15 40.01 28.91
CA GLY C 76 -26.80 39.12 27.97
C GLY C 76 -26.75 37.67 28.41
N LYS C 77 -25.94 36.87 27.72
CA LYS C 77 -25.89 35.44 27.96
C LYS C 77 -24.50 34.93 28.24
N GLY C 78 -24.44 33.76 28.88
CA GLY C 78 -23.19 33.05 29.08
C GLY C 78 -23.43 31.55 29.11
N LEU C 79 -22.36 30.78 29.25
CA LEU C 79 -22.46 29.34 29.40
C LEU C 79 -21.95 28.88 30.75
N ASN C 80 -22.77 28.11 31.45
CA ASN C 80 -22.29 27.34 32.59
C ASN C 80 -21.78 26.01 32.06
N LEU C 81 -20.47 25.86 32.08
CA LEU C 81 -19.79 24.77 31.36
C LEU C 81 -20.05 23.39 31.95
N THR C 82 -20.12 22.40 31.05
CA THR C 82 -20.08 21.00 31.46
C THR C 82 -18.96 20.32 30.71
N GLU C 83 -18.70 19.05 31.03
CA GLU C 83 -17.81 18.28 30.18
C GLU C 83 -18.52 18.05 28.84
N LEU C 84 -17.75 17.69 27.83
CA LEU C 84 -18.29 17.52 26.48
C LEU C 84 -19.35 16.43 26.36
N ASP C 85 -19.34 15.48 27.29
CA ASP C 85 -20.27 14.38 27.25
C ASP C 85 -21.55 14.73 28.02
N GLY C 86 -21.59 15.96 28.51
CA GLY C 86 -22.76 16.47 29.22
C GLY C 86 -22.74 16.24 30.71
N THR C 87 -21.73 15.51 31.21
CA THR C 87 -21.62 15.31 32.65
C THR C 87 -21.10 16.59 33.30
N PRO C 88 -21.45 16.80 34.58
CA PRO C 88 -21.05 18.04 35.24
C PRO C 88 -19.56 18.28 35.21
N TYR C 89 -19.20 19.53 35.01
CA TYR C 89 -17.83 19.99 35.18
C TYR C 89 -17.66 20.38 36.64
N HIS C 90 -16.54 20.01 37.25
CA HIS C 90 -16.23 20.45 38.60
C HIS C 90 -14.94 21.27 38.61
N ALA C 91 -14.97 22.45 39.22
CA ALA C 91 -13.79 23.25 39.24
C ALA C 91 -12.85 22.57 40.23
N PHE C 92 -11.80 21.94 39.72
CA PHE C 92 -10.95 21.12 40.54
C PHE C 92 -9.47 21.30 40.10
N GLU C 93 -8.78 20.23 39.70
CA GLU C 93 -7.37 20.31 39.33
C GLU C 93 -7.10 20.54 37.85
N SER C 94 -8.12 20.40 37.01
CA SER C 94 -7.93 20.70 35.59
C SER C 94 -8.16 22.17 35.34
N PRO C 95 -7.47 22.77 34.37
CA PRO C 95 -7.67 24.21 34.09
C PRO C 95 -9.07 24.57 33.60
N ALA C 96 -9.77 23.59 33.03
CA ALA C 96 -11.06 23.81 32.37
C ALA C 96 -11.64 22.44 32.02
N PRO C 97 -12.86 22.39 31.45
CA PRO C 97 -13.33 21.08 30.98
C PRO C 97 -12.35 20.47 29.96
N LEU C 98 -12.28 19.14 29.92
CA LEU C 98 -11.40 18.50 28.95
C LEU C 98 -11.77 18.88 27.52
N GLY C 99 -10.74 19.19 26.73
CA GLY C 99 -10.95 19.59 25.36
C GLY C 99 -11.19 21.07 25.14
N PHE C 100 -11.37 21.82 26.22
CA PHE C 100 -11.61 23.26 26.12
C PHE C 100 -10.47 23.91 25.34
N PRO C 101 -10.79 24.84 24.41
CA PRO C 101 -9.74 25.42 23.58
C PRO C 101 -8.67 26.14 24.40
N ASP C 102 -7.45 26.18 23.88
CA ASP C 102 -6.35 26.80 24.60
C ASP C 102 -5.64 27.84 23.73
N ILE C 103 -6.37 28.44 22.79
CA ILE C 103 -5.78 29.46 21.93
C ILE C 103 -5.94 30.79 22.66
N GLY C 104 -4.84 31.28 23.23
CA GLY C 104 -4.94 32.42 24.12
C GLY C 104 -5.03 33.79 23.47
N ALA C 105 -5.51 34.76 24.24
CA ALA C 105 -5.45 36.18 23.90
C ALA C 105 -6.07 36.51 22.55
N CYS C 106 -7.29 36.05 22.33
CA CYS C 106 -8.01 36.36 21.11
C CYS C 106 -9.49 36.11 21.34
N ASP C 107 -10.33 36.66 20.47
CA ASP C 107 -11.74 36.30 20.47
C ASP C 107 -11.91 34.92 19.85
N TRP C 108 -12.83 34.14 20.40
CA TRP C 108 -13.20 32.86 19.82
C TRP C 108 -14.56 32.96 19.17
N HIS C 109 -14.77 32.15 18.14
CA HIS C 109 -16.07 32.05 17.52
C HIS C 109 -16.40 30.58 17.43
N VAL C 110 -17.38 30.17 18.22
CA VAL C 110 -17.64 28.76 18.49
C VAL C 110 -19.01 28.40 17.94
N SER C 111 -19.08 27.40 17.07
CA SER C 111 -20.34 27.04 16.45
C SER C 111 -20.96 25.90 17.25
N THR C 112 -22.14 26.15 17.81
CA THR C 112 -22.77 25.17 18.67
C THR C 112 -24.16 24.79 18.18
N PHE C 113 -24.63 23.61 18.60
CA PHE C 113 -26.01 23.23 18.40
C PHE C 113 -26.66 22.86 19.73
N LYS C 114 -27.98 22.97 19.77
CA LYS C 114 -28.72 22.61 20.97
C LYS C 114 -28.88 21.12 21.00
N VAL C 115 -28.39 20.48 22.06
CA VAL C 115 -28.44 19.04 22.14
C VAL C 115 -29.86 18.61 22.42
N LEU C 119 -35.22 19.36 16.53
CA LEU C 119 -34.64 20.48 15.84
C LEU C 119 -35.43 20.88 14.65
N SER C 120 -35.62 22.18 14.48
CA SER C 120 -36.21 22.77 13.28
C SER C 120 -35.45 24.04 12.88
N GLY C 121 -35.41 24.31 11.57
CA GLY C 121 -34.77 25.50 11.05
C GLY C 121 -33.26 25.35 11.17
N ASP C 122 -32.53 26.46 11.06
CA ASP C 122 -31.14 26.44 11.43
C ASP C 122 -30.95 26.04 12.87
N PRO C 123 -30.09 25.07 13.12
CA PRO C 123 -29.82 24.66 14.51
C PRO C 123 -28.58 25.30 15.10
N MET C 124 -27.78 26.00 14.29
CA MET C 124 -26.48 26.46 14.75
C MET C 124 -26.51 27.87 15.32
N SER C 125 -25.71 28.07 16.37
CA SER C 125 -25.47 29.40 16.91
C SER C 125 -23.97 29.61 16.89
N ARG C 126 -23.53 30.82 16.54
CA ARG C 126 -22.11 31.13 16.68
C ARG C 126 -21.97 31.95 17.95
N LEU C 127 -21.18 31.42 18.88
CA LEU C 127 -20.95 32.09 20.15
C LEU C 127 -19.66 32.86 20.04
N ASP C 128 -19.73 34.17 20.26
CA ASP C 128 -18.59 35.03 20.11
C ASP C 128 -18.07 35.34 21.51
N VAL C 129 -16.86 34.85 21.79
CA VAL C 129 -16.35 34.80 23.16
C VAL C 129 -15.10 35.65 23.28
N LYS C 130 -15.10 36.57 24.23
CA LYS C 130 -13.95 37.41 24.52
C LYS C 130 -13.20 36.87 25.72
N GLN C 131 -11.86 36.97 25.68
CA GLN C 131 -11.07 36.55 26.82
C GLN C 131 -10.79 37.74 27.72
N ASN C 132 -11.87 38.31 28.27
CA ASN C 132 -11.75 39.39 29.24
C ASN C 132 -12.18 38.91 30.63
N ALA C 133 -12.57 39.83 31.50
CA ALA C 133 -12.84 39.50 32.90
C ALA C 133 -13.83 38.35 33.16
N PRO C 134 -14.97 38.32 32.45
CA PRO C 134 -15.90 37.21 32.71
C PRO C 134 -15.49 35.85 32.14
N PHE C 135 -14.34 35.79 31.45
CA PHE C 135 -13.83 34.55 30.92
C PHE C 135 -13.20 33.79 32.09
N ALA C 136 -13.93 32.81 32.61
CA ALA C 136 -13.50 32.10 33.80
C ALA C 136 -13.68 30.60 33.64
N PRO C 137 -12.98 30.00 32.68
CA PRO C 137 -13.21 28.57 32.40
C PRO C 137 -12.85 27.63 33.55
N HIS C 138 -11.89 27.99 34.39
CA HIS C 138 -11.56 27.10 35.51
C HIS C 138 -12.74 27.04 36.47
N LEU C 139 -13.36 28.19 36.67
CA LEU C 139 -14.52 28.27 37.53
C LEU C 139 -15.73 27.64 36.88
N GLY C 140 -15.72 27.55 35.56
CA GLY C 140 -16.78 26.87 34.85
C GLY C 140 -17.79 27.77 34.15
N SER C 141 -17.40 29.00 33.85
CA SER C 141 -18.31 29.88 33.12
C SER C 141 -17.59 30.83 32.16
N ILE C 142 -18.23 31.11 31.04
CA ILE C 142 -17.75 32.11 30.11
C ILE C 142 -18.96 32.90 29.65
N GLU C 143 -18.74 34.10 29.13
CA GLU C 143 -19.84 34.85 28.55
C GLU C 143 -19.68 34.90 27.03
N PHE C 144 -20.78 35.18 26.32
CA PHE C 144 -20.71 35.33 24.88
C PHE C 144 -21.74 36.32 24.36
N THR C 145 -21.53 36.76 23.13
CA THR C 145 -22.58 37.41 22.37
C THR C 145 -22.85 36.54 21.16
N SER C 146 -24.05 36.61 20.63
CA SER C 146 -24.41 35.81 19.47
C SER C 146 -25.47 36.52 18.68
N ASP C 147 -25.38 36.44 17.37
CA ASP C 147 -26.43 37.00 16.53
C ASP C 147 -27.61 36.05 16.43
N GLN C 148 -27.44 34.84 16.95
CA GLN C 148 -28.55 33.90 17.01
C GLN C 148 -29.09 33.88 18.43
N ASP C 149 -29.98 32.94 18.73
CA ASP C 149 -30.59 32.88 20.06
C ASP C 149 -30.44 31.52 20.74
N PRO C 150 -29.20 31.13 21.05
CA PRO C 150 -28.99 29.82 21.68
C PRO C 150 -29.64 29.74 23.06
N THR C 151 -30.23 28.58 23.36
CA THR C 151 -30.80 28.34 24.68
C THR C 151 -30.40 26.95 25.12
N GLY C 152 -30.50 26.68 26.42
CA GLY C 152 -30.27 25.34 26.94
C GLY C 152 -28.86 24.78 26.75
N ASP C 153 -28.80 23.48 26.48
CA ASP C 153 -27.56 22.72 26.43
C ASP C 153 -26.94 22.81 25.04
N GLN C 154 -25.87 23.59 24.93
CA GLN C 154 -25.20 23.85 23.66
C GLN C 154 -23.87 23.15 23.60
N LEU C 155 -23.61 22.45 22.49
CA LEU C 155 -22.35 21.75 22.29
C LEU C 155 -21.75 22.20 20.98
N GLY C 156 -20.46 22.51 20.98
CA GLY C 156 -19.88 23.00 19.74
C GLY C 156 -18.37 22.99 19.66
N THR C 157 -17.87 23.59 18.59
CA THR C 157 -16.48 23.47 18.22
C THR C 157 -15.96 24.85 17.84
N LEU C 158 -14.75 25.15 18.26
CA LEU C 158 -14.10 26.40 17.85
C LEU C 158 -14.04 26.45 16.33
N ALA C 159 -14.58 27.52 15.73
CA ALA C 159 -14.66 27.62 14.27
C ALA C 159 -13.58 28.53 13.69
N TRP C 160 -13.35 29.66 14.36
CA TRP C 160 -12.29 30.59 13.97
C TRP C 160 -11.96 31.54 15.12
N VAL C 161 -10.83 32.25 15.00
CA VAL C 161 -10.42 33.18 16.02
C VAL C 161 -10.08 34.52 15.39
N SER C 162 -10.12 35.59 16.18
CA SER C 162 -9.88 36.94 15.67
C SER C 162 -9.32 37.81 16.79
N PRO C 163 -8.77 38.99 16.45
CA PRO C 163 -8.11 39.80 17.48
C PRO C 163 -9.05 40.28 18.59
N SER C 164 -8.50 40.42 19.79
CA SER C 164 -9.29 40.87 20.94
C SER C 164 -9.71 42.32 20.79
N THR C 165 -8.87 43.10 20.11
CA THR C 165 -9.17 44.52 19.86
C THR C 165 -8.84 44.85 18.41
N SER C 166 -9.45 45.90 17.88
CA SER C 166 -9.19 46.30 16.51
C SER C 166 -7.72 46.67 16.34
N GLY C 167 -7.11 46.17 15.27
CA GLY C 167 -5.72 46.48 14.98
C GLY C 167 -4.73 45.51 15.61
N ALA C 168 -5.21 44.67 16.53
CA ALA C 168 -4.33 43.72 17.19
C ALA C 168 -4.08 42.52 16.28
N ARG C 169 -3.15 41.66 16.68
CA ARG C 169 -2.88 40.45 15.94
C ARG C 169 -3.25 39.27 16.84
N VAL C 170 -3.47 38.11 16.23
CA VAL C 170 -3.67 36.91 17.02
C VAL C 170 -2.35 36.16 17.04
N ASP C 171 -1.95 35.69 18.22
CA ASP C 171 -0.77 34.86 18.36
C ASP C 171 -1.21 33.51 18.89
N PRO C 172 -1.35 32.53 18.00
CA PRO C 172 -1.86 31.23 18.46
C PRO C 172 -0.85 30.43 19.28
N TRP C 173 0.33 31.00 19.54
CA TRP C 173 1.31 30.36 20.42
C TRP C 173 1.06 30.66 21.89
N LYS C 174 0.09 31.54 22.15
CA LYS C 174 -0.29 31.91 23.52
C LYS C 174 -1.41 31.01 24.05
N ILE C 175 -1.50 30.89 25.37
CA ILE C 175 -2.60 30.18 26.01
C ILE C 175 -3.47 31.16 26.80
N PRO C 176 -4.69 30.74 27.15
CA PRO C 176 -5.56 31.63 27.91
C PRO C 176 -5.12 31.78 29.36
N SER C 177 -5.71 32.77 30.01
CA SER C 177 -5.73 32.82 31.47
C SER C 177 -7.04 32.15 31.87
N TYR C 178 -6.96 31.08 32.63
CA TYR C 178 -8.14 30.28 32.95
C TYR C 178 -8.91 30.81 34.14
N GLY C 179 -8.34 31.79 34.83
CA GLY C 179 -9.07 32.44 35.89
C GLY C 179 -8.26 32.78 37.12
N SER C 180 -8.84 33.67 37.93
CA SER C 180 -8.21 34.14 39.16
C SER C 180 -8.33 33.06 40.24
N THR C 181 -9.11 32.03 39.96
CA THR C 181 -9.27 30.92 40.87
C THR C 181 -8.23 29.89 40.70
N VAL C 182 -7.48 30.05 39.63
CA VAL C 182 -6.36 29.16 39.36
C VAL C 182 -5.29 29.42 40.40
N THR C 183 -4.84 28.38 41.08
CA THR C 183 -3.72 28.47 41.99
C THR C 183 -2.66 27.48 41.59
N GLU C 184 -1.72 27.29 42.50
CA GLU C 184 -0.60 26.38 42.32
C GLU C 184 -1.05 24.91 42.40
N SER C 185 -2.23 24.67 42.94
CA SER C 185 -2.76 23.31 43.05
C SER C 185 -3.48 22.90 41.77
N THR C 186 -3.88 23.98 40.92
CA THR C 186 -4.50 23.60 39.66
C THR C 186 -3.50 22.82 38.84
N HIS C 187 -4.01 21.95 37.97
CA HIS C 187 -3.14 21.09 37.17
C HIS C 187 -2.85 21.69 35.80
N LEU C 188 -2.41 22.88 35.64
CA LEU C 188 -1.96 23.46 34.37
C LEU C 188 -0.78 22.63 33.90
N ALA C 189 -0.75 22.25 32.62
CA ALA C 189 0.41 21.57 32.08
C ALA C 189 1.59 22.53 32.17
N PRO C 190 2.78 22.01 32.54
CA PRO C 190 3.96 22.87 32.72
C PRO C 190 4.55 23.37 31.41
N PRO C 191 5.39 24.41 31.48
CA PRO C 191 6.03 24.90 30.27
C PRO C 191 6.90 23.81 29.64
N ILE C 192 7.10 23.90 28.33
CA ILE C 192 8.01 23.00 27.65
C ILE C 192 9.27 23.79 27.33
N PHE C 193 10.36 23.43 28.01
CA PHE C 193 11.61 24.15 27.82
C PHE C 193 12.47 23.42 26.79
N PRO C 194 12.98 24.16 25.80
CA PRO C 194 14.00 23.60 24.90
C PRO C 194 15.13 23.04 25.75
N PRO C 195 15.52 21.79 25.50
CA PRO C 195 16.42 21.09 26.43
C PRO C 195 17.89 21.39 26.21
N GLY C 196 18.19 22.26 25.26
CA GLY C 196 19.56 22.67 25.10
C GLY C 196 20.35 21.91 24.06
N PHE C 197 21.57 22.36 23.87
CA PHE C 197 22.55 21.71 23.02
C PHE C 197 22.10 21.51 21.59
N GLY C 198 21.62 22.59 20.99
CA GLY C 198 21.26 22.58 19.60
C GLY C 198 19.90 22.01 19.30
N GLU C 199 19.24 21.41 20.30
CA GLU C 199 17.92 20.84 20.06
C GLU C 199 16.85 21.92 20.03
N ALA C 200 15.86 21.72 19.16
CA ALA C 200 14.73 22.64 19.08
C ALA C 200 13.44 21.85 19.14
N ILE C 201 12.44 22.37 19.84
CA ILE C 201 11.13 21.72 19.90
C ILE C 201 10.52 21.69 18.52
N VAL C 202 9.96 20.54 18.15
CA VAL C 202 9.23 20.40 16.90
C VAL C 202 7.75 20.73 17.09
N TYR C 203 7.26 21.66 16.27
CA TYR C 203 5.87 22.07 16.31
C TYR C 203 5.17 21.55 15.08
N PHE C 204 3.98 20.99 15.31
CA PHE C 204 3.16 20.45 14.25
C PHE C 204 2.08 21.48 13.89
N MET C 205 2.07 21.90 12.63
CA MET C 205 1.29 23.07 12.20
C MET C 205 0.05 22.71 11.39
N SER C 206 -1.03 23.45 11.60
CA SER C 206 -2.26 23.25 10.83
C SER C 206 -2.82 24.55 10.30
N ASP C 207 -3.33 24.52 9.08
CA ASP C 207 -4.14 25.62 8.57
C ASP C 207 -5.38 25.73 9.44
N PHE C 208 -5.77 26.96 9.75
CA PHE C 208 -6.93 27.22 10.57
C PHE C 208 -7.30 28.68 10.36
N PRO C 209 -8.60 28.99 10.32
CA PRO C 209 -8.98 30.39 10.06
C PRO C 209 -8.64 31.30 11.24
N ILE C 210 -7.48 31.93 11.14
CA ILE C 210 -7.07 32.95 12.08
C ILE C 210 -7.16 34.29 11.37
N VAL C 211 -8.07 35.12 11.81
CA VAL C 211 -8.19 36.43 11.20
C VAL C 211 -7.11 37.31 11.82
N SER C 212 -6.22 37.77 10.95
CA SER C 212 -4.94 38.41 11.30
C SER C 212 -4.29 37.88 12.58
N ALA C 216 -1.32 32.25 10.02
CA ALA C 216 -2.54 31.53 9.65
C ALA C 216 -2.42 30.04 9.95
N GLN C 217 -1.45 29.67 10.78
CA GLN C 217 -1.30 28.29 11.23
C GLN C 217 -1.19 28.13 12.74
N VAL C 218 -1.81 27.08 13.25
CA VAL C 218 -1.84 26.81 14.69
C VAL C 218 -0.84 25.70 15.00
N PRO C 219 0.07 25.97 15.94
CA PRO C 219 1.06 24.98 16.34
C PRO C 219 0.54 24.06 17.44
N CYS C 220 1.05 22.83 17.49
CA CYS C 220 0.87 21.97 18.65
C CYS C 220 2.14 21.16 18.85
N THR C 221 2.31 20.58 20.03
CA THR C 221 3.55 19.87 20.32
C THR C 221 3.45 18.34 20.21
N LEU C 222 2.23 17.81 20.17
CA LEU C 222 2.02 16.40 19.84
C LEU C 222 0.81 16.27 18.94
N PRO C 223 0.94 15.50 17.85
CA PRO C 223 -0.25 15.18 17.07
C PRO C 223 -1.24 14.44 17.97
N GLN C 224 -2.53 14.64 17.76
CA GLN C 224 -3.51 14.08 18.69
C GLN C 224 -3.42 12.56 18.79
N GLU C 225 -3.15 11.90 17.67
CA GLU C 225 -3.06 10.44 17.70
C GLU C 225 -1.88 9.94 18.50
N PHE C 226 -0.84 10.76 18.68
CA PHE C 226 0.25 10.39 19.59
C PHE C 226 -0.29 10.34 21.02
N VAL C 227 -1.10 11.33 21.37
CA VAL C 227 -1.71 11.38 22.70
C VAL C 227 -2.56 10.14 22.98
N SER C 228 -3.45 9.80 22.07
CA SER C 228 -4.28 8.61 22.29
C SER C 228 -3.43 7.35 22.30
N HIS C 229 -2.38 7.33 21.49
CA HIS C 229 -1.47 6.18 21.47
C HIS C 229 -0.83 5.97 22.84
N PHE C 230 -0.37 7.05 23.45
CA PHE C 230 0.28 6.95 24.77
C PHE C 230 -0.71 6.54 25.85
N VAL C 231 -1.91 7.11 25.82
CA VAL C 231 -2.94 6.79 26.79
C VAL C 231 -3.33 5.32 26.69
N GLU C 232 -3.48 4.86 25.45
CA GLU C 232 -3.93 3.51 25.16
C GLU C 232 -2.86 2.49 25.58
N GLN C 233 -1.61 2.81 25.30
CA GLN C 233 -0.56 1.82 25.49
C GLN C 233 -0.04 1.72 26.92
N GLN C 234 -0.03 2.84 27.64
CA GLN C 234 0.48 2.86 29.01
C GLN C 234 1.85 2.18 29.07
N ALA C 235 2.72 2.53 28.13
CA ALA C 235 4.02 1.89 28.02
C ALA C 235 4.96 2.40 29.11
N PRO C 236 5.79 1.51 29.65
CA PRO C 236 6.80 1.96 30.61
C PRO C 236 7.87 2.75 29.89
N VAL C 237 8.38 3.78 30.54
CA VAL C 237 9.44 4.58 29.96
C VAL C 237 10.75 3.89 30.31
N ARG C 238 11.53 3.55 29.29
CA ARG C 238 12.71 2.72 29.50
C ARG C 238 14.02 3.44 29.26
N GLY C 239 13.95 4.75 29.14
CA GLY C 239 15.13 5.57 28.94
C GLY C 239 14.82 7.03 29.11
N GLU C 240 15.83 7.88 28.96
CA GLU C 240 15.64 9.31 29.15
C GLU C 240 15.01 9.99 27.95
N ALA C 241 15.05 9.34 26.80
CA ALA C 241 14.40 9.85 25.60
C ALA C 241 14.20 8.71 24.61
N ALA C 242 13.21 8.84 23.75
CA ALA C 242 12.99 7.83 22.73
C ALA C 242 13.46 8.37 21.39
N LEU C 243 14.43 7.69 20.80
CA LEU C 243 14.93 8.07 19.48
C LEU C 243 13.94 7.59 18.41
N LEU C 244 13.45 8.53 17.60
CA LEU C 244 12.53 8.20 16.53
C LEU C 244 13.18 8.42 15.18
N HIS C 245 12.79 7.63 14.19
CA HIS C 245 13.16 7.92 12.81
C HIS C 245 11.92 8.38 12.05
N TYR C 246 12.09 9.38 11.19
CA TYR C 246 11.02 9.84 10.33
C TYR C 246 11.23 9.20 8.97
N VAL C 247 10.34 8.28 8.60
CA VAL C 247 10.58 7.40 7.47
C VAL C 247 9.68 7.70 6.27
N ASP C 248 10.26 7.74 5.08
CA ASP C 248 9.47 7.84 3.87
C ASP C 248 8.74 6.52 3.67
N PRO C 249 7.40 6.55 3.67
CA PRO C 249 6.64 5.29 3.65
C PRO C 249 6.61 4.63 2.27
N ASP C 250 7.15 5.30 1.26
CA ASP C 250 7.15 4.76 -0.09
C ASP C 250 8.50 4.19 -0.49
N THR C 251 9.57 4.84 -0.06
CA THR C 251 10.93 4.38 -0.37
C THR C 251 11.57 3.69 0.83
N HIS C 252 10.95 3.87 1.99
CA HIS C 252 11.41 3.28 3.26
C HIS C 252 12.74 3.83 3.74
N ARG C 253 13.12 4.98 3.21
CA ARG C 253 14.36 5.64 3.64
C ARG C 253 14.15 6.48 4.89
N ASN C 254 15.18 6.49 5.73
CA ASN C 254 15.20 7.28 6.95
C ASN C 254 15.47 8.75 6.61
N LEU C 255 14.53 9.63 6.91
CA LEU C 255 14.64 11.03 6.52
C LEU C 255 15.19 11.93 7.62
N GLY C 256 15.20 11.45 8.85
CA GLY C 256 15.69 12.26 9.94
C GLY C 256 15.46 11.69 11.32
N GLU C 257 16.28 12.14 12.26
CA GLU C 257 16.25 11.69 13.64
C GLU C 257 15.57 12.70 14.54
N PHE C 258 14.75 12.20 15.45
CA PHE C 258 14.06 13.04 16.42
C PHE C 258 14.13 12.39 17.79
N LYS C 259 14.01 13.19 18.85
CA LYS C 259 13.93 12.65 20.19
C LYS C 259 12.58 12.95 20.80
N LEU C 260 11.93 11.91 21.33
CA LEU C 260 10.67 12.05 22.03
C LEU C 260 10.95 11.93 23.52
N TYR C 261 10.63 12.99 24.27
CA TYR C 261 10.93 13.03 25.69
C TYR C 261 9.76 12.53 26.53
N PRO C 262 10.05 11.95 27.70
CA PRO C 262 9.04 11.38 28.61
C PRO C 262 7.93 12.35 28.97
N ASP C 263 8.25 13.63 29.08
CA ASP C 263 7.22 14.62 29.43
C ASP C 263 6.28 14.90 28.26
N GLY C 264 6.58 14.37 27.08
CA GLY C 264 5.64 14.38 25.97
C GLY C 264 5.82 15.53 24.99
N PHE C 265 7.03 15.65 24.46
CA PHE C 265 7.29 16.55 23.34
C PHE C 265 8.43 16.00 22.51
N ILE C 266 8.63 16.58 21.34
CA ILE C 266 9.59 16.06 20.37
C ILE C 266 10.58 17.14 19.96
N THR C 267 11.84 16.76 19.85
CA THR C 267 12.85 17.71 19.39
C THR C 267 13.61 17.19 18.20
N CYS C 268 14.33 18.08 17.55
CA CYS C 268 15.30 17.72 16.53
C CYS C 268 16.45 18.69 16.63
N VAL C 269 17.51 18.45 15.87
CA VAL C 269 18.54 19.47 15.66
C VAL C 269 18.35 20.01 14.25
N PRO C 270 17.78 21.22 14.13
CA PRO C 270 17.54 21.73 12.79
C PRO C 270 18.81 22.27 12.16
N ASN C 271 19.04 21.94 10.89
CA ASN C 271 20.12 22.55 10.15
C ASN C 271 19.89 24.06 10.10
N THR C 272 20.97 24.83 10.18
CA THR C 272 20.86 26.28 10.14
C THR C 272 20.21 26.74 8.85
N GLY C 273 19.20 27.60 8.99
CA GLY C 273 18.48 28.11 7.85
C GLY C 273 17.44 27.11 7.35
N GLY C 274 17.31 26.00 8.05
CA GLY C 274 16.37 24.96 7.67
C GLY C 274 15.70 24.34 8.87
N GLY C 275 15.43 23.05 8.78
CA GLY C 275 14.76 22.35 9.86
C GLY C 275 13.71 21.40 9.34
N PRO C 276 12.88 20.85 10.22
CA PRO C 276 11.92 19.84 9.79
C PRO C 276 10.85 20.41 8.85
N GLN C 277 10.74 21.73 8.77
CA GLN C 277 9.85 22.36 7.77
C GLN C 277 10.28 22.06 6.33
N ASN C 278 11.51 21.60 6.15
CA ASN C 278 11.99 21.26 4.81
C ASN C 278 11.83 19.78 4.48
N LEU C 279 11.32 19.01 5.42
CA LEU C 279 11.08 17.59 5.19
C LEU C 279 9.72 17.39 4.53
N PRO C 280 9.57 16.28 3.78
CA PRO C 280 8.27 15.90 3.24
C PRO C 280 7.28 15.70 4.38
N THR C 281 6.00 15.93 4.10
CA THR C 281 5.00 15.89 5.15
C THR C 281 4.21 14.57 5.16
N ASN C 282 4.70 13.57 4.45
CA ASN C 282 4.03 12.28 4.40
C ASN C 282 4.85 11.18 5.04
N GLY C 283 5.84 11.55 5.84
CA GLY C 283 6.66 10.57 6.53
C GLY C 283 6.00 9.96 7.76
N VAL C 284 6.53 8.83 8.21
CA VAL C 284 6.00 8.14 9.38
C VAL C 284 7.06 8.09 10.47
N PHE C 285 6.69 8.51 11.69
CA PHE C 285 7.61 8.38 12.82
C PHE C 285 7.64 6.93 13.28
N VAL C 286 8.84 6.42 13.54
CA VAL C 286 9.03 5.06 13.99
C VAL C 286 9.98 5.04 15.17
N PHE C 287 9.56 4.39 16.26
CA PHE C 287 10.44 4.22 17.41
C PHE C 287 11.65 3.37 17.03
N SER C 288 12.84 3.84 17.37
CA SER C 288 14.06 3.12 17.06
C SER C 288 14.71 2.53 18.32
N SER C 289 15.02 3.38 19.30
CA SER C 289 15.62 2.91 20.55
C SER C 289 15.51 3.94 21.67
N TRP C 290 15.68 3.48 22.89
CA TRP C 290 15.80 4.36 24.04
C TRP C 290 17.21 4.90 24.11
N VAL C 291 17.34 6.20 24.34
CA VAL C 291 18.65 6.83 24.38
C VAL C 291 18.78 7.74 25.60
N SER C 292 20.01 8.11 25.93
CA SER C 292 20.25 9.02 27.04
C SER C 292 19.78 10.41 26.65
N ARG C 293 19.62 11.26 27.67
CA ARG C 293 19.07 12.59 27.46
C ARG C 293 19.96 13.36 26.51
N TYR C 294 21.27 13.19 26.64
CA TYR C 294 22.18 14.00 25.83
C TYR C 294 22.66 13.32 24.56
N TYR C 295 21.95 12.28 24.15
CA TYR C 295 22.17 11.66 22.86
C TYR C 295 22.06 12.74 21.78
N GLN C 296 23.14 12.90 21.03
CA GLN C 296 23.24 13.94 20.01
C GLN C 296 22.62 13.51 18.69
N LEU C 297 21.64 14.27 18.21
CA LEU C 297 20.94 13.96 16.97
C LEU C 297 21.69 14.42 15.74
N LYS C 298 21.53 13.67 14.66
CA LYS C 298 22.00 14.12 13.37
C LYS C 298 21.07 15.25 12.91
N PRO C 299 21.63 16.36 12.44
CA PRO C 299 20.79 17.50 12.04
C PRO C 299 19.84 17.21 10.87
N VAL C 300 18.69 17.87 10.85
CA VAL C 300 17.71 17.67 9.78
C VAL C 300 17.41 18.97 9.01
N ARG D 5 2.62 -10.10 13.94
CA ARG D 5 1.82 -9.17 14.72
C ARG D 5 0.49 -9.80 15.13
N GLN D 6 -0.01 -9.40 16.31
CA GLN D 6 -1.26 -9.93 16.82
C GLN D 6 -2.30 -8.84 16.83
N LEU D 7 -3.54 -9.19 16.49
CA LEU D 7 -4.64 -8.22 16.51
C LEU D 7 -5.00 -7.79 17.94
N THR D 8 -5.20 -6.49 18.11
CA THR D 8 -5.77 -5.96 19.34
C THR D 8 -6.81 -4.93 18.92
N VAL D 9 -7.64 -4.50 19.87
CA VAL D 9 -8.51 -3.35 19.63
C VAL D 9 -8.11 -2.27 20.65
N PRO D 10 -8.47 -1.01 20.37
CA PRO D 10 -8.03 0.09 21.24
C PRO D 10 -8.41 -0.07 22.70
N ASN D 11 -7.42 0.11 23.56
CA ASN D 11 -7.66 0.18 25.00
C ASN D 11 -8.18 1.57 25.36
N ILE D 12 -9.37 1.88 24.88
CA ILE D 12 -10.01 3.17 25.06
C ILE D 12 -11.49 2.95 25.32
N PRO D 13 -12.02 3.56 26.39
CA PRO D 13 -13.43 3.39 26.75
C PRO D 13 -14.34 3.94 25.67
N LEU D 14 -15.54 3.38 25.56
CA LEU D 14 -16.49 3.74 24.51
C LEU D 14 -16.71 5.25 24.40
N ASN D 15 -16.84 5.91 25.54
CA ASN D 15 -17.15 7.33 25.57
C ASN D 15 -16.00 8.24 25.15
N ASN D 16 -14.80 7.67 24.98
CA ASN D 16 -13.66 8.43 24.44
C ASN D 16 -13.35 8.09 22.99
N LEU D 17 -14.29 7.40 22.33
CA LEU D 17 -14.14 7.06 20.93
C LEU D 17 -14.95 8.00 20.03
N ALA D 18 -14.40 8.33 18.88
CA ALA D 18 -15.08 9.21 17.92
C ALA D 18 -15.93 8.45 16.92
N ASN D 19 -17.01 9.08 16.50
CA ASN D 19 -17.82 8.58 15.39
C ASN D 19 -16.99 8.63 14.11
N SER D 20 -17.22 7.69 13.23
CA SER D 20 -16.50 7.63 11.97
C SER D 20 -17.27 8.25 10.80
N ARG D 21 -18.49 8.74 11.05
CA ARG D 21 -19.30 9.33 9.99
C ARG D 21 -19.62 10.81 10.18
N VAL D 22 -19.51 11.29 11.42
CA VAL D 22 -19.60 12.73 11.70
C VAL D 22 -18.55 13.10 12.74
N PRO D 23 -18.13 14.37 12.79
CA PRO D 23 -17.14 14.77 13.79
C PRO D 23 -17.80 14.94 15.15
N ALA D 24 -17.82 13.85 15.90
CA ALA D 24 -18.54 13.79 17.17
C ALA D 24 -18.05 12.59 17.95
N MET D 25 -18.31 12.60 19.25
CA MET D 25 -17.96 11.48 20.12
C MET D 25 -19.11 10.49 20.21
N ILE D 26 -18.75 9.22 20.36
CA ILE D 26 -19.75 8.18 20.56
C ILE D 26 -20.31 8.29 21.97
N ASN D 27 -21.63 8.24 22.09
CA ASN D 27 -22.23 8.28 23.41
C ASN D 27 -23.03 7.03 23.78
N LYS D 28 -23.25 6.15 22.80
CA LYS D 28 -23.84 4.85 23.09
C LYS D 28 -23.75 3.90 21.92
N MET D 29 -24.09 2.63 22.21
CA MET D 29 -24.21 1.58 21.22
C MET D 29 -25.67 1.23 21.10
N THR D 30 -26.07 0.71 19.95
CA THR D 30 -27.41 0.17 19.81
C THR D 30 -27.47 -0.86 18.71
N VAL D 31 -28.63 -1.49 18.58
CA VAL D 31 -28.90 -2.34 17.43
C VAL D 31 -30.05 -1.72 16.64
N SER D 32 -30.15 -2.06 15.36
CA SER D 32 -31.21 -1.49 14.54
C SER D 32 -32.56 -2.11 14.90
N THR D 33 -33.63 -1.31 14.81
CA THR D 33 -34.98 -1.82 15.11
C THR D 33 -35.37 -2.98 14.21
N ASP D 34 -34.98 -2.90 12.94
CA ASP D 34 -35.01 -4.07 12.07
C ASP D 34 -33.63 -4.70 12.13
N GLN D 35 -33.51 -5.83 12.82
CA GLN D 35 -32.19 -6.42 12.99
C GLN D 35 -31.67 -7.09 11.73
N ASN D 36 -32.50 -7.15 10.70
CA ASN D 36 -32.06 -7.65 9.40
C ASN D 36 -31.63 -6.52 8.46
N GLN D 37 -31.70 -5.28 8.93
CA GLN D 37 -31.36 -4.14 8.09
C GLN D 37 -29.92 -4.20 7.61
N VAL D 38 -29.74 -4.02 6.30
CA VAL D 38 -28.43 -3.98 5.67
C VAL D 38 -28.00 -2.52 5.51
N VAL D 39 -26.76 -2.21 5.88
CA VAL D 39 -26.24 -0.86 5.68
C VAL D 39 -25.06 -0.88 4.74
N GLN D 40 -24.70 0.28 4.19
CA GLN D 40 -23.60 0.33 3.25
C GLN D 40 -22.84 1.64 3.43
N PHE D 41 -22.58 1.98 4.68
CA PHE D 41 -21.84 3.20 5.02
C PHE D 41 -20.50 3.19 4.26
N GLN D 42 -20.05 4.37 3.84
CA GLN D 42 -18.81 4.48 3.08
C GLN D 42 -17.66 5.01 3.94
N ASN D 43 -18.00 5.63 5.07
CA ASN D 43 -17.00 6.00 6.07
C ASN D 43 -17.09 5.02 7.25
N GLY D 44 -16.02 4.96 8.04
CA GLY D 44 -15.92 4.00 9.12
C GLY D 44 -15.72 2.56 8.64
N ARG D 45 -15.24 2.41 7.41
CA ARG D 45 -15.06 1.10 6.80
C ARG D 45 -13.59 0.75 6.66
N CYS D 46 -13.20 -0.37 7.27
CA CYS D 46 -11.80 -0.81 7.26
C CYS D 46 -11.78 -2.28 7.63
N THR D 47 -10.97 -3.07 6.92
CA THR D 47 -10.84 -4.48 7.27
C THR D 47 -9.92 -4.62 8.49
N LEU D 48 -9.99 -5.76 9.14
CA LEU D 48 -9.16 -6.01 10.30
C LEU D 48 -7.67 -6.02 9.95
N GLU D 49 -7.37 -6.26 8.68
CA GLU D 49 -5.97 -6.23 8.24
C GLU D 49 -5.51 -4.81 7.94
N GLY D 50 -6.40 -3.84 8.09
CA GLY D 50 -6.01 -2.45 7.94
C GLY D 50 -6.19 -1.87 6.54
N GLN D 51 -7.07 -2.49 5.76
CA GLN D 51 -7.39 -1.97 4.44
C GLN D 51 -8.58 -1.04 4.51
N LEU D 52 -8.34 0.25 4.29
CA LEU D 52 -9.44 1.22 4.25
C LEU D 52 -10.36 0.94 3.06
N LEU D 53 -11.66 1.10 3.28
CA LEU D 53 -12.66 0.89 2.24
C LEU D 53 -13.50 2.15 2.02
N GLY D 54 -14.09 2.27 0.83
CA GLY D 54 -14.96 3.40 0.56
C GLY D 54 -14.19 4.70 0.64
N THR D 55 -14.77 5.70 1.30
CA THR D 55 -14.12 7.01 1.46
C THR D 55 -13.44 7.18 2.81
N THR D 56 -13.36 6.09 3.56
CA THR D 56 -12.89 6.13 4.94
C THR D 56 -11.46 6.67 5.08
N PRO D 57 -11.28 7.73 5.87
CA PRO D 57 -9.96 8.28 6.12
C PRO D 57 -9.37 7.70 7.41
N VAL D 58 -8.17 8.14 7.76
CA VAL D 58 -7.49 7.58 8.92
C VAL D 58 -7.84 8.31 10.21
N SER D 59 -7.90 9.64 10.14
CA SER D 59 -8.07 10.47 11.35
C SER D 59 -9.51 10.93 11.57
N ALA D 60 -9.89 11.03 12.84
CA ALA D 60 -11.20 11.59 13.20
C ALA D 60 -11.36 13.02 12.67
N SER D 61 -10.26 13.73 12.48
CA SER D 61 -10.35 15.08 11.95
C SER D 61 -10.35 15.16 10.43
N GLN D 62 -10.56 14.00 9.79
CA GLN D 62 -10.80 13.95 8.35
C GLN D 62 -12.24 13.54 8.06
N VAL D 63 -12.98 13.23 9.12
CA VAL D 63 -14.30 12.64 8.96
C VAL D 63 -15.34 13.70 8.59
N ALA D 64 -16.04 13.46 7.47
CA ALA D 64 -17.13 14.33 7.01
C ALA D 64 -16.64 15.75 6.73
N ARG D 65 -15.53 15.83 6.01
CA ARG D 65 -14.99 17.12 5.60
C ARG D 65 -14.93 17.19 4.09
N ILE D 66 -14.86 18.42 3.57
CA ILE D 66 -14.88 18.68 2.14
C ILE D 66 -13.87 19.78 1.83
N ARG D 67 -13.13 19.60 0.73
CA ARG D 67 -12.25 20.64 0.24
C ARG D 67 -12.36 20.75 -1.28
N GLY D 68 -12.32 21.97 -1.80
CA GLY D 68 -12.33 22.14 -3.24
C GLY D 68 -12.16 23.58 -3.66
N LYS D 69 -12.11 23.79 -4.97
CA LYS D 69 -12.00 25.12 -5.55
C LYS D 69 -13.34 25.60 -6.02
N VAL D 70 -13.71 26.81 -5.60
CA VAL D 70 -14.96 27.37 -6.03
C VAL D 70 -14.92 27.71 -7.52
N PHE D 71 -15.96 27.32 -8.24
CA PHE D 71 -16.14 27.76 -9.61
C PHE D 71 -17.54 28.35 -9.79
N SER D 72 -17.68 29.18 -10.83
CA SER D 72 -18.95 29.80 -11.17
C SER D 72 -19.46 29.25 -12.49
N THR D 73 -20.77 29.15 -12.61
CA THR D 73 -21.40 28.87 -13.89
C THR D 73 -22.32 30.02 -14.24
N ALA D 74 -23.01 29.93 -15.36
CA ALA D 74 -24.00 30.96 -15.72
C ALA D 74 -25.15 30.91 -14.72
N SER D 75 -25.37 29.74 -14.15
CA SER D 75 -26.49 29.55 -13.23
C SER D 75 -26.10 29.66 -11.76
N GLY D 76 -24.85 29.34 -11.42
CA GLY D 76 -24.46 29.34 -10.02
C GLY D 76 -23.03 28.96 -9.69
N LYS D 77 -22.88 28.25 -8.57
CA LYS D 77 -21.56 27.98 -8.02
C LYS D 77 -21.36 26.50 -7.74
N GLY D 78 -20.10 26.10 -7.68
CA GLY D 78 -19.78 24.75 -7.26
C GLY D 78 -18.37 24.62 -6.74
N LEU D 79 -18.02 23.44 -6.27
CA LEU D 79 -16.66 23.13 -5.87
C LEU D 79 -16.09 22.06 -6.78
N ASN D 80 -14.92 22.33 -7.36
CA ASN D 80 -14.14 21.27 -7.95
C ASN D 80 -13.31 20.66 -6.84
N LEU D 81 -13.71 19.46 -6.43
CA LEU D 81 -13.18 18.83 -5.23
C LEU D 81 -11.71 18.46 -5.33
N THR D 82 -11.00 18.58 -4.22
CA THR D 82 -9.67 18.02 -4.07
C THR D 82 -9.69 17.10 -2.86
N GLU D 83 -8.58 16.41 -2.61
CA GLU D 83 -8.45 15.71 -1.34
C GLU D 83 -8.32 16.77 -0.24
N LEU D 84 -8.45 16.37 1.01
CA LEU D 84 -8.47 17.33 2.10
C LEU D 84 -7.15 18.06 2.31
N ASP D 85 -6.06 17.49 1.78
CA ASP D 85 -4.77 18.15 1.86
C ASP D 85 -4.52 19.09 0.67
N GLY D 86 -5.51 19.22 -0.20
CA GLY D 86 -5.42 20.11 -1.33
C GLY D 86 -4.87 19.48 -2.60
N THR D 87 -4.42 18.23 -2.51
CA THR D 87 -3.87 17.52 -3.67
C THR D 87 -4.98 17.08 -4.60
N PRO D 88 -4.73 16.85 -5.88
CA PRO D 88 -5.83 16.60 -6.83
C PRO D 88 -6.70 15.36 -6.52
N TYR D 89 -8.02 15.49 -6.62
CA TYR D 89 -8.88 14.34 -6.54
C TYR D 89 -8.95 13.70 -7.91
N HIS D 90 -8.59 12.42 -7.99
CA HIS D 90 -8.70 11.68 -9.23
C HIS D 90 -9.76 10.60 -9.11
N ALA D 91 -10.75 10.66 -9.99
CA ALA D 91 -11.76 9.60 -10.01
C ALA D 91 -11.07 8.29 -10.40
N PHE D 92 -10.97 7.37 -9.45
CA PHE D 92 -10.28 6.11 -9.70
C PHE D 92 -11.08 4.98 -9.07
N GLU D 93 -10.71 4.60 -7.85
CA GLU D 93 -11.36 3.47 -7.20
C GLU D 93 -11.97 3.85 -5.85
N SER D 94 -12.41 5.10 -5.75
CA SER D 94 -13.11 5.57 -4.55
C SER D 94 -14.37 6.35 -4.92
N PRO D 95 -15.40 6.31 -4.06
CA PRO D 95 -16.66 7.01 -4.35
C PRO D 95 -16.51 8.53 -4.37
N ALA D 96 -15.50 9.06 -3.68
CA ALA D 96 -15.35 10.50 -3.50
C ALA D 96 -13.99 10.75 -2.83
N PRO D 97 -13.62 12.03 -2.59
CA PRO D 97 -12.38 12.25 -1.85
C PRO D 97 -12.45 11.59 -0.48
N LEU D 98 -11.31 11.21 0.06
CA LEU D 98 -11.32 10.58 1.38
C LEU D 98 -11.92 11.54 2.41
N GLY D 99 -12.73 10.99 3.30
CA GLY D 99 -13.37 11.78 4.34
C GLY D 99 -14.67 12.45 3.93
N PHE D 100 -14.98 12.44 2.64
CA PHE D 100 -16.20 13.06 2.13
C PHE D 100 -17.41 12.49 2.88
N PRO D 101 -18.35 13.36 3.30
CA PRO D 101 -19.50 12.86 4.07
C PRO D 101 -20.30 11.80 3.32
N ASP D 102 -20.92 10.89 4.07
CA ASP D 102 -21.71 9.81 3.48
C ASP D 102 -23.13 9.76 4.06
N ILE D 103 -23.65 10.91 4.46
CA ILE D 103 -25.02 10.98 4.96
C ILE D 103 -25.95 11.21 3.78
N GLY D 104 -26.67 10.17 3.37
CA GLY D 104 -27.37 10.23 2.10
C GLY D 104 -28.72 10.92 2.12
N ALA D 105 -29.15 11.34 0.92
CA ALA D 105 -30.51 11.79 0.67
C ALA D 105 -30.97 12.92 1.59
N CYS D 106 -30.14 13.95 1.69
CA CYS D 106 -30.49 15.13 2.48
C CYS D 106 -29.64 16.31 2.03
N ASP D 107 -30.03 17.52 2.43
CA ASP D 107 -29.21 18.70 2.23
C ASP D 107 -28.08 18.71 3.25
N TRP D 108 -26.89 19.12 2.81
CA TRP D 108 -25.77 19.30 3.71
C TRP D 108 -25.51 20.78 3.90
N HIS D 109 -25.01 21.13 5.07
CA HIS D 109 -24.60 22.50 5.34
C HIS D 109 -23.19 22.43 5.88
N VAL D 110 -22.24 22.88 5.07
CA VAL D 110 -20.83 22.64 5.32
C VAL D 110 -20.14 23.96 5.58
N SER D 111 -19.50 24.10 6.74
CA SER D 111 -18.85 25.36 7.08
C SER D 111 -17.39 25.33 6.64
N THR D 112 -17.03 26.20 5.71
CA THR D 112 -15.69 26.21 5.13
C THR D 112 -14.97 27.55 5.33
N PHE D 113 -13.65 27.51 5.27
CA PHE D 113 -12.87 28.75 5.25
C PHE D 113 -11.94 28.71 4.05
N LYS D 114 -11.49 29.89 3.65
CA LYS D 114 -10.57 30.01 2.54
C LYS D 114 -9.17 29.75 3.06
N VAL D 115 -8.52 28.77 2.45
CA VAL D 115 -7.16 28.46 2.88
C VAL D 115 -6.21 29.49 2.35
N SER D 120 -9.19 39.52 6.91
CA SER D 120 -9.99 40.43 7.71
C SER D 120 -11.48 40.18 7.50
N GLY D 121 -12.22 40.07 8.59
CA GLY D 121 -13.65 39.84 8.52
C GLY D 121 -14.02 38.39 8.77
N ASP D 122 -15.31 38.09 8.70
CA ASP D 122 -15.80 36.73 8.92
C ASP D 122 -15.27 35.82 7.82
N PRO D 123 -14.44 34.82 8.20
CA PRO D 123 -13.81 33.98 7.19
C PRO D 123 -14.67 32.79 6.79
N MET D 124 -15.80 32.58 7.46
CA MET D 124 -16.57 31.35 7.21
C MET D 124 -17.63 31.53 6.15
N SER D 125 -17.81 30.48 5.35
CA SER D 125 -18.94 30.39 4.43
C SER D 125 -19.68 29.10 4.74
N ARG D 126 -21.01 29.17 4.77
CA ARG D 126 -21.80 27.96 4.89
C ARG D 126 -22.25 27.57 3.49
N LEU D 127 -21.77 26.43 3.02
CA LEU D 127 -22.11 25.93 1.69
C LEU D 127 -23.29 25.01 1.86
N ASP D 128 -24.38 25.36 1.19
CA ASP D 128 -25.59 24.57 1.27
C ASP D 128 -25.66 23.68 0.05
N VAL D 129 -25.63 22.37 0.29
CA VAL D 129 -25.44 21.41 -0.78
C VAL D 129 -26.63 20.47 -0.87
N LYS D 130 -27.20 20.38 -2.07
CA LYS D 130 -28.32 19.46 -2.30
C LYS D 130 -27.86 18.21 -3.00
N GLN D 131 -28.46 17.08 -2.68
CA GLN D 131 -28.09 15.83 -3.35
C GLN D 131 -29.01 15.57 -4.53
N ASN D 132 -29.01 16.51 -5.47
CA ASN D 132 -29.74 16.37 -6.71
C ASN D 132 -28.80 16.12 -7.90
N ALA D 133 -29.23 16.46 -9.12
CA ALA D 133 -28.46 16.10 -10.31
C ALA D 133 -26.97 16.54 -10.35
N PRO D 134 -26.66 17.80 -10.00
CA PRO D 134 -25.24 18.21 -10.06
C PRO D 134 -24.37 17.66 -8.93
N PHE D 135 -24.97 16.87 -8.04
CA PHE D 135 -24.22 16.26 -6.96
C PHE D 135 -23.48 15.07 -7.57
N ALA D 136 -22.23 15.30 -7.97
CA ALA D 136 -21.45 14.27 -8.65
C ALA D 136 -20.06 14.15 -8.05
N PRO D 137 -19.98 13.83 -6.75
CA PRO D 137 -18.68 13.81 -6.07
C PRO D 137 -17.71 12.76 -6.63
N HIS D 138 -18.23 11.65 -7.17
CA HIS D 138 -17.33 10.64 -7.71
C HIS D 138 -16.55 11.19 -8.89
N LEU D 139 -17.21 12.00 -9.71
CA LEU D 139 -16.54 12.62 -10.84
C LEU D 139 -15.74 13.85 -10.40
N GLY D 140 -16.06 14.37 -9.22
CA GLY D 140 -15.22 15.41 -8.63
C GLY D 140 -15.80 16.80 -8.51
N SER D 141 -17.11 16.94 -8.61
CA SER D 141 -17.74 18.25 -8.40
C SER D 141 -19.07 18.16 -7.66
N ILE D 142 -19.37 19.20 -6.89
CA ILE D 142 -20.71 19.39 -6.36
C ILE D 142 -21.09 20.84 -6.51
N GLU D 143 -22.39 21.10 -6.53
CA GLU D 143 -22.94 22.44 -6.60
C GLU D 143 -23.31 22.87 -5.19
N PHE D 144 -23.23 24.17 -4.91
CA PHE D 144 -23.74 24.68 -3.64
C PHE D 144 -24.38 26.04 -3.85
N THR D 145 -25.17 26.46 -2.87
CA THR D 145 -25.55 27.86 -2.76
C THR D 145 -25.04 28.32 -1.41
N SER D 146 -24.86 29.62 -1.25
CA SER D 146 -24.37 30.17 0.01
C SER D 146 -24.80 31.62 0.19
N ASP D 147 -25.15 31.99 1.42
CA ASP D 147 -25.47 33.37 1.71
C ASP D 147 -24.21 34.20 1.91
N GLN D 148 -23.05 33.52 1.92
CA GLN D 148 -21.76 34.21 1.95
C GLN D 148 -21.15 34.22 0.56
N ASP D 149 -19.89 34.63 0.44
CA ASP D 149 -19.25 34.75 -0.85
C ASP D 149 -17.92 33.97 -0.92
N PRO D 150 -17.99 32.64 -0.82
CA PRO D 150 -16.74 31.87 -0.85
C PRO D 150 -16.07 31.90 -2.21
N THR D 151 -14.75 32.02 -2.20
CA THR D 151 -13.94 31.98 -3.42
C THR D 151 -12.73 31.11 -3.17
N GLY D 152 -12.10 30.65 -4.24
CA GLY D 152 -10.84 29.91 -4.14
C GLY D 152 -10.92 28.57 -3.41
N ASP D 153 -9.84 28.27 -2.70
CA ASP D 153 -9.63 26.98 -2.04
C ASP D 153 -10.36 26.97 -0.70
N GLN D 154 -11.52 26.32 -0.66
CA GLN D 154 -12.33 26.25 0.56
C GLN D 154 -12.18 24.88 1.23
N LEU D 155 -11.96 24.89 2.54
CA LEU D 155 -11.85 23.65 3.32
C LEU D 155 -12.79 23.72 4.48
N GLY D 156 -13.53 22.65 4.74
CA GLY D 156 -14.45 22.70 5.87
C GLY D 156 -15.07 21.38 6.27
N THR D 157 -16.07 21.49 7.13
CA THR D 157 -16.62 20.35 7.85
C THR D 157 -18.13 20.39 7.79
N LEU D 158 -18.75 19.22 7.64
CA LEU D 158 -20.21 19.13 7.73
C LEU D 158 -20.67 19.64 9.09
N ALA D 159 -21.55 20.65 9.05
CA ALA D 159 -22.03 21.29 10.27
C ALA D 159 -23.39 20.77 10.69
N TRP D 160 -24.29 20.61 9.74
CA TRP D 160 -25.61 20.04 10.00
C TRP D 160 -26.27 19.56 8.72
N VAL D 161 -27.35 18.82 8.86
CA VAL D 161 -28.07 18.29 7.70
C VAL D 161 -29.55 18.55 7.87
N SER D 162 -30.28 18.57 6.75
CA SER D 162 -31.70 18.88 6.78
C SER D 162 -32.37 18.22 5.57
N PRO D 163 -33.71 18.14 5.56
CA PRO D 163 -34.38 17.39 4.50
C PRO D 163 -34.20 17.98 3.11
N SER D 164 -34.18 17.10 2.12
CA SER D 164 -34.01 17.53 0.73
C SER D 164 -35.15 18.42 0.29
N THR D 165 -36.33 18.27 0.89
CA THR D 165 -37.51 19.06 0.55
C THR D 165 -38.33 19.35 1.80
N SER D 166 -39.08 20.41 1.78
CA SER D 166 -39.95 20.75 2.89
C SER D 166 -40.90 19.59 3.19
N GLY D 167 -41.02 19.09 4.36
CA GLY D 167 -41.92 17.99 4.71
C GLY D 167 -41.28 16.62 4.67
N ALA D 168 -40.02 16.55 4.23
CA ALA D 168 -39.34 15.26 4.16
C ALA D 168 -38.59 15.01 5.45
N ARG D 169 -38.00 13.83 5.60
CA ARG D 169 -37.14 13.67 6.75
C ARG D 169 -35.74 13.31 6.33
N VAL D 170 -34.81 13.40 7.28
CA VAL D 170 -33.46 12.94 7.07
C VAL D 170 -33.30 11.55 7.69
N ASP D 171 -32.79 10.62 6.89
CA ASP D 171 -32.48 9.27 7.36
C ASP D 171 -30.96 9.09 7.27
N PRO D 172 -30.28 9.20 8.42
CA PRO D 172 -28.82 9.13 8.43
C PRO D 172 -28.29 7.72 8.20
N TRP D 173 -29.18 6.75 8.03
CA TRP D 173 -28.76 5.37 7.75
C TRP D 173 -28.58 5.15 6.26
N LYS D 174 -28.91 6.16 5.46
CA LYS D 174 -28.72 6.09 4.01
C LYS D 174 -27.37 6.70 3.61
N ILE D 175 -26.88 6.30 2.44
CA ILE D 175 -25.66 6.87 1.87
C ILE D 175 -26.01 7.63 0.58
N PRO D 176 -25.11 8.50 0.12
CA PRO D 176 -25.39 9.26 -1.10
C PRO D 176 -25.30 8.40 -2.34
N SER D 177 -25.85 8.92 -3.43
CA SER D 177 -25.55 8.40 -4.75
C SER D 177 -24.46 9.28 -5.31
N TYR D 178 -23.27 8.71 -5.47
CA TYR D 178 -22.09 9.51 -5.76
C TYR D 178 -21.92 9.83 -7.25
N THR D 186 -19.24 3.52 -8.97
CA THR D 186 -18.57 4.43 -8.03
C THR D 186 -17.71 3.73 -6.97
N HIS D 187 -17.48 2.43 -7.11
CA HIS D 187 -16.52 1.72 -6.26
C HIS D 187 -16.84 1.74 -4.75
N LEU D 188 -18.12 1.55 -4.45
CA LEU D 188 -18.61 1.57 -3.08
C LEU D 188 -18.02 0.45 -2.24
N ALA D 189 -17.78 0.74 -0.96
CA ALA D 189 -17.56 -0.33 0.01
C ALA D 189 -18.84 -1.16 0.02
N PRO D 190 -18.70 -2.49 0.14
CA PRO D 190 -19.86 -3.38 -0.01
C PRO D 190 -20.85 -3.28 1.15
N PRO D 191 -22.08 -3.79 0.93
CA PRO D 191 -23.06 -3.80 2.01
C PRO D 191 -22.59 -4.65 3.17
N ILE D 192 -23.10 -4.34 4.37
CA ILE D 192 -22.86 -5.16 5.55
C ILE D 192 -24.16 -5.86 5.95
N PHE D 193 -24.16 -7.19 5.87
CA PHE D 193 -25.31 -7.99 6.30
C PHE D 193 -25.11 -8.49 7.71
N PRO D 194 -26.17 -8.45 8.52
CA PRO D 194 -26.11 -9.17 9.80
C PRO D 194 -25.76 -10.62 9.48
N PRO D 195 -24.74 -11.16 10.16
CA PRO D 195 -24.09 -12.39 9.68
C PRO D 195 -24.64 -13.71 10.21
N GLY D 196 -25.85 -13.71 10.76
CA GLY D 196 -26.47 -14.96 11.19
C GLY D 196 -26.28 -15.29 12.66
N PHE D 197 -26.71 -16.49 13.04
CA PHE D 197 -26.56 -16.97 14.42
C PHE D 197 -27.15 -16.02 15.45
N GLY D 198 -28.26 -15.38 15.09
CA GLY D 198 -28.95 -14.47 15.99
C GLY D 198 -28.26 -13.15 16.19
N GLU D 199 -27.22 -12.90 15.42
CA GLU D 199 -26.40 -11.72 15.63
C GLU D 199 -26.98 -10.46 15.01
N ALA D 200 -26.74 -9.33 15.67
CA ALA D 200 -27.16 -8.04 15.17
C ALA D 200 -25.94 -7.14 15.11
N ILE D 201 -25.86 -6.33 14.06
CA ILE D 201 -24.78 -5.37 13.91
C ILE D 201 -24.85 -4.34 15.03
N VAL D 202 -23.70 -4.04 15.64
CA VAL D 202 -23.60 -3.01 16.65
C VAL D 202 -23.33 -1.66 15.99
N TYR D 203 -24.18 -0.69 16.29
CA TYR D 203 -24.03 0.65 15.76
C TYR D 203 -23.60 1.58 16.89
N PHE D 204 -22.61 2.39 16.59
CA PHE D 204 -22.10 3.36 17.54
C PHE D 204 -22.70 4.74 17.21
N MET D 205 -23.40 5.33 18.17
CA MET D 205 -24.20 6.52 17.92
C MET D 205 -23.57 7.77 18.47
N SER D 206 -23.76 8.88 17.76
CA SER D 206 -23.36 10.18 18.27
C SER D 206 -24.47 11.19 18.11
N ASP D 207 -24.60 12.09 19.07
CA ASP D 207 -25.45 13.26 18.88
C ASP D 207 -24.90 14.11 17.74
N PHE D 208 -25.79 14.62 16.89
CA PHE D 208 -25.38 15.49 15.79
C PHE D 208 -26.61 16.26 15.31
N PRO D 209 -26.41 17.51 14.85
CA PRO D 209 -27.57 18.32 14.45
C PRO D 209 -28.21 17.83 13.16
N ILE D 210 -29.14 16.91 13.30
CA ILE D 210 -29.97 16.47 12.19
C ILE D 210 -31.31 17.15 12.34
N VAL D 211 -31.64 18.03 11.40
CA VAL D 211 -32.92 18.68 11.43
C VAL D 211 -33.91 17.78 10.69
N SER D 212 -34.98 17.44 11.39
CA SER D 212 -36.03 16.56 10.86
C SER D 212 -35.54 15.13 10.64
N GLY D 213 -34.65 14.68 11.50
CA GLY D 213 -34.37 13.25 11.60
C GLY D 213 -35.30 12.70 12.65
N ASN D 214 -35.43 11.38 12.74
CA ASN D 214 -36.25 10.80 13.79
C ASN D 214 -35.61 11.05 15.16
N THR D 215 -34.28 10.92 15.20
CA THR D 215 -33.53 11.39 16.34
C THR D 215 -32.40 12.24 15.81
N ALA D 216 -31.68 12.91 16.70
CA ALA D 216 -30.56 13.72 16.28
C ALA D 216 -29.30 12.93 16.58
N GLN D 217 -29.19 11.76 15.96
CA GLN D 217 -28.07 10.86 16.16
C GLN D 217 -27.61 10.29 14.83
N VAL D 218 -26.32 10.04 14.71
CA VAL D 218 -25.77 9.41 13.53
C VAL D 218 -25.11 8.10 13.93
N PRO D 219 -25.47 6.98 13.27
CA PRO D 219 -24.85 5.69 13.54
C PRO D 219 -23.58 5.46 12.72
N CYS D 220 -22.62 4.71 13.27
CA CYS D 220 -21.51 4.22 12.45
C CYS D 220 -21.20 2.78 12.88
N THR D 221 -20.42 2.08 12.06
CA THR D 221 -20.16 0.67 12.34
C THR D 221 -18.79 0.36 12.96
N LEU D 222 -17.89 1.33 12.93
CA LEU D 222 -16.63 1.23 13.66
C LEU D 222 -16.28 2.60 14.23
N PRO D 223 -15.89 2.65 15.51
CA PRO D 223 -15.35 3.89 16.07
C PRO D 223 -14.14 4.30 15.23
N GLN D 224 -13.91 5.59 15.05
CA GLN D 224 -12.83 6.03 14.18
C GLN D 224 -11.46 5.53 14.66
N GLU D 225 -11.26 5.50 15.98
CA GLU D 225 -9.97 5.05 16.49
C GLU D 225 -9.75 3.55 16.28
N PHE D 226 -10.82 2.79 16.08
CA PHE D 226 -10.69 1.39 15.68
C PHE D 226 -10.12 1.32 14.26
N VAL D 227 -10.63 2.17 13.38
CA VAL D 227 -10.13 2.25 12.01
C VAL D 227 -8.64 2.55 11.97
N SER D 228 -8.21 3.60 12.67
CA SER D 228 -6.79 3.95 12.65
C SER D 228 -5.94 2.88 13.32
N HIS D 229 -6.50 2.23 14.34
CA HIS D 229 -5.79 1.15 15.03
C HIS D 229 -5.51 0.02 14.04
N PHE D 230 -6.50 -0.36 13.24
CA PHE D 230 -6.31 -1.45 12.27
C PHE D 230 -5.33 -1.06 11.18
N VAL D 231 -5.42 0.19 10.71
CA VAL D 231 -4.50 0.70 9.70
C VAL D 231 -3.05 0.66 10.18
N GLU D 232 -2.84 1.02 11.43
CA GLU D 232 -1.49 1.04 11.98
C GLU D 232 -0.92 -0.34 12.19
N GLN D 233 -1.78 -1.20 12.71
CA GLN D 233 -1.33 -2.50 13.17
C GLN D 233 -0.99 -3.44 12.04
N GLN D 234 -1.75 -3.33 10.94
CA GLN D 234 -1.61 -4.21 9.77
C GLN D 234 -1.47 -5.65 10.22
N ALA D 235 -2.36 -6.07 11.11
CA ALA D 235 -2.31 -7.39 11.71
C ALA D 235 -2.92 -8.44 10.78
N PRO D 236 -2.35 -9.65 10.79
CA PRO D 236 -2.93 -10.76 10.03
C PRO D 236 -4.22 -11.26 10.67
N VAL D 237 -5.19 -11.60 9.83
CA VAL D 237 -6.42 -12.23 10.32
C VAL D 237 -6.17 -13.71 10.48
N ARG D 238 -6.25 -14.20 11.72
CA ARG D 238 -5.93 -15.60 12.03
C ARG D 238 -7.14 -16.51 12.21
N GLY D 239 -8.35 -15.97 12.04
CA GLY D 239 -9.55 -16.75 12.27
C GLY D 239 -10.73 -16.12 11.55
N GLU D 240 -11.89 -16.75 11.64
CA GLU D 240 -13.07 -16.28 10.94
C GLU D 240 -13.76 -15.10 11.64
N ALA D 241 -13.49 -14.95 12.93
CA ALA D 241 -14.03 -13.83 13.70
C ALA D 241 -13.20 -13.66 14.96
N ALA D 242 -13.13 -12.42 15.46
CA ALA D 242 -12.43 -12.15 16.70
C ALA D 242 -13.44 -11.96 17.81
N LEU D 243 -13.36 -12.80 18.83
CA LEU D 243 -14.20 -12.65 20.01
C LEU D 243 -13.64 -11.52 20.86
N LEU D 244 -14.50 -10.55 21.17
CA LEU D 244 -14.15 -9.43 22.05
C LEU D 244 -14.98 -9.50 23.32
N HIS D 245 -14.42 -9.01 24.42
CA HIS D 245 -15.19 -8.74 25.63
C HIS D 245 -15.29 -7.24 25.82
N TYR D 246 -16.46 -6.78 26.26
CA TYR D 246 -16.65 -5.39 26.64
C TYR D 246 -16.50 -5.35 28.15
N VAL D 247 -15.43 -4.70 28.63
CA VAL D 247 -15.00 -4.86 30.01
C VAL D 247 -15.10 -3.56 30.81
N ASP D 248 -15.59 -3.66 32.04
CA ASP D 248 -15.55 -2.53 32.95
C ASP D 248 -14.11 -2.30 33.37
N PRO D 249 -13.57 -1.09 33.11
CA PRO D 249 -12.16 -0.83 33.39
C PRO D 249 -11.83 -0.70 34.86
N ASP D 250 -12.83 -0.53 35.72
CA ASP D 250 -12.56 -0.45 37.15
C ASP D 250 -12.57 -1.81 37.82
N THR D 251 -13.59 -2.62 37.52
CA THR D 251 -13.75 -3.91 38.17
C THR D 251 -13.16 -5.04 37.34
N HIS D 252 -12.89 -4.74 36.06
CA HIS D 252 -12.34 -5.70 35.11
C HIS D 252 -13.32 -6.82 34.78
N ARG D 253 -14.57 -6.59 35.08
CA ARG D 253 -15.59 -7.58 34.79
C ARG D 253 -16.01 -7.53 33.33
N ASN D 254 -16.20 -8.71 32.75
CA ASN D 254 -16.69 -8.83 31.38
C ASN D 254 -18.19 -8.57 31.35
N LEU D 255 -18.58 -7.53 30.61
CA LEU D 255 -19.99 -7.14 30.55
C LEU D 255 -20.73 -7.74 29.37
N GLY D 256 -20.01 -8.35 28.44
CA GLY D 256 -20.65 -8.93 27.27
C GLY D 256 -19.70 -9.37 26.17
N GLU D 257 -20.12 -10.39 25.43
CA GLU D 257 -19.37 -10.93 24.30
C GLU D 257 -19.77 -10.28 23.00
N PHE D 258 -18.80 -9.97 22.16
CA PHE D 258 -19.03 -9.39 20.85
C PHE D 258 -18.15 -10.09 19.83
N LYS D 259 -18.56 -10.09 18.58
CA LYS D 259 -17.72 -10.64 17.52
C LYS D 259 -17.29 -9.53 16.57
N LEU D 260 -16.01 -9.49 16.29
CA LEU D 260 -15.43 -8.54 15.36
C LEU D 260 -15.06 -9.30 14.09
N TYR D 261 -15.68 -8.94 12.98
CA TYR D 261 -15.52 -9.69 11.73
C TYR D 261 -14.43 -9.10 10.85
N PRO D 262 -13.74 -9.96 10.07
CA PRO D 262 -12.64 -9.54 9.19
C PRO D 262 -13.00 -8.38 8.27
N ASP D 263 -14.24 -8.30 7.81
CA ASP D 263 -14.66 -7.24 6.90
C ASP D 263 -14.79 -5.89 7.62
N GLY D 264 -14.70 -5.90 8.94
CA GLY D 264 -14.64 -4.68 9.73
C GLY D 264 -15.97 -4.19 10.29
N PHE D 265 -16.62 -5.02 11.08
CA PHE D 265 -17.81 -4.61 11.81
C PHE D 265 -17.97 -5.50 13.03
N ILE D 266 -18.83 -5.08 13.95
CA ILE D 266 -18.97 -5.74 15.24
C ILE D 266 -20.41 -6.20 15.43
N THR D 267 -20.59 -7.36 16.03
CA THR D 267 -21.95 -7.85 16.29
C THR D 267 -22.09 -8.29 17.74
N CYS D 268 -23.35 -8.46 18.15
CA CYS D 268 -23.67 -9.11 19.42
C CYS D 268 -24.96 -9.88 19.18
N VAL D 269 -25.37 -10.66 20.17
CA VAL D 269 -26.73 -11.19 20.18
C VAL D 269 -27.49 -10.39 21.23
N PRO D 270 -28.43 -9.55 20.79
CA PRO D 270 -29.18 -8.76 21.77
C PRO D 270 -30.26 -9.59 22.44
N ASN D 271 -30.41 -9.42 23.75
CA ASN D 271 -31.58 -9.96 24.44
C ASN D 271 -32.82 -9.34 23.84
N THR D 272 -33.91 -10.10 23.83
CA THR D 272 -35.16 -9.63 23.25
C THR D 272 -35.62 -8.33 23.90
N GLY D 273 -35.91 -7.33 23.07
CA GLY D 273 -36.36 -6.03 23.55
C GLY D 273 -35.23 -5.16 24.07
N GLY D 274 -34.00 -5.66 24.00
CA GLY D 274 -32.87 -4.96 24.55
C GLY D 274 -31.66 -5.04 23.64
N GLY D 275 -30.48 -5.04 24.24
CA GLY D 275 -29.24 -5.05 23.48
C GLY D 275 -28.20 -4.17 24.12
N PRO D 276 -27.13 -3.86 23.37
CA PRO D 276 -25.99 -3.13 23.91
C PRO D 276 -26.33 -1.70 24.32
N GLN D 277 -27.50 -1.21 23.91
CA GLN D 277 -27.98 0.10 24.33
C GLN D 277 -28.24 0.15 25.84
N ASN D 278 -28.35 -1.04 26.45
CA ASN D 278 -28.58 -1.14 27.88
C ASN D 278 -27.29 -1.32 28.69
N LEU D 279 -26.15 -1.35 27.99
CA LEU D 279 -24.87 -1.48 28.65
C LEU D 279 -24.32 -0.12 29.09
N PRO D 280 -23.47 -0.11 30.13
CA PRO D 280 -22.76 1.12 30.50
C PRO D 280 -21.93 1.59 29.32
N THR D 281 -21.68 2.89 29.28
CA THR D 281 -20.98 3.49 28.15
C THR D 281 -19.52 3.79 28.45
N ASN D 282 -19.00 3.24 29.54
CA ASN D 282 -17.63 3.50 29.96
C ASN D 282 -16.75 2.24 29.86
N GLY D 283 -17.26 1.23 29.16
CA GLY D 283 -16.52 -0.01 28.99
C GLY D 283 -15.45 0.04 27.92
N VAL D 284 -14.55 -0.94 27.95
CA VAL D 284 -13.46 -1.05 26.99
C VAL D 284 -13.55 -2.39 26.27
N PHE D 285 -13.49 -2.36 24.94
CA PHE D 285 -13.42 -3.62 24.18
C PHE D 285 -12.02 -4.20 24.30
N VAL D 286 -11.96 -5.50 24.52
CA VAL D 286 -10.68 -6.20 24.60
C VAL D 286 -10.74 -7.48 23.76
N PHE D 287 -9.73 -7.69 22.93
CA PHE D 287 -9.61 -8.93 22.17
C PHE D 287 -9.45 -10.13 23.10
N SER D 288 -10.24 -11.17 22.87
CA SER D 288 -10.15 -12.38 23.68
C SER D 288 -9.47 -13.50 22.91
N SER D 289 -10.06 -13.87 21.77
CA SER D 289 -9.50 -14.94 20.96
C SER D 289 -10.11 -14.96 19.56
N TRP D 290 -9.45 -15.66 18.65
CA TRP D 290 -10.02 -15.96 17.35
C TRP D 290 -11.01 -17.10 17.50
N VAL D 291 -12.17 -16.97 16.87
CA VAL D 291 -13.20 -18.00 16.96
C VAL D 291 -13.79 -18.34 15.60
N SER D 292 -14.51 -19.44 15.57
CA SER D 292 -15.22 -19.88 14.38
C SER D 292 -16.27 -18.87 13.98
N ARG D 293 -16.57 -18.84 12.68
CA ARG D 293 -17.63 -18.03 12.14
C ARG D 293 -18.93 -18.38 12.85
N TYR D 294 -19.01 -19.61 13.33
CA TYR D 294 -20.24 -20.15 13.91
C TYR D 294 -20.33 -20.01 15.42
N TYR D 295 -19.33 -19.40 16.03
CA TYR D 295 -19.30 -19.23 17.48
C TYR D 295 -20.56 -18.49 17.93
N GLN D 296 -21.31 -19.11 18.82
CA GLN D 296 -22.58 -18.56 19.27
C GLN D 296 -22.39 -17.68 20.50
N LEU D 297 -22.74 -16.40 20.37
CA LEU D 297 -22.55 -15.44 21.46
C LEU D 297 -23.64 -15.54 22.52
N LYS D 298 -23.23 -15.31 23.77
CA LYS D 298 -24.17 -15.11 24.86
C LYS D 298 -24.85 -13.76 24.70
N PRO D 299 -26.18 -13.72 24.84
CA PRO D 299 -26.91 -12.47 24.66
C PRO D 299 -26.52 -11.36 25.63
N VAL D 300 -26.64 -10.11 25.18
CA VAL D 300 -26.33 -8.96 26.02
C VAL D 300 -27.50 -8.00 26.17
N GLY D 301 -27.50 -7.27 27.28
CA GLY D 301 -28.40 -6.15 27.48
C GLY D 301 -29.84 -6.54 27.67
#